data_7B68
#
_entry.id   7B68
#
_cell.length_a   58.283
_cell.length_b   58.403
_cell.length_c   73.882
_cell.angle_alpha   97.08
_cell.angle_beta   91.46
_cell.angle_gamma   105.59
#
_symmetry.space_group_name_H-M   'P 1'
#
loop_
_entity.id
_entity.type
_entity.pdbx_description
1 polymer 'UDP-N-acetylmuramoyl-L-alanyl-D-glutamate-2,6-diaminopimelate ligase'
2 non-polymer '4-[(4-methylphenyl)methyl]-1,4-thiazinane 1,1-dioxide'
3 non-polymer 'DIMETHYL SULFOXIDE'
4 water water
#
_entity_poly.entity_id   1
_entity_poly.type   'polypeptide(L)'
_entity_poly.pdbx_seq_one_letter_code
;SMADRNLRDLLAPWVPDAPSRALREMTLDSRVAAAGDLFVAVVGHQADGRRYIPQAIAQGVAAIIAEAKDEATDGEIREM
HGVPVIYLSQLNERLSALAGRFYHEPSDNLRLVGVTGTNGKTTTTQLLAQWSQLLGEISAVMGTVGNGLLGKVIPTENTT
GSAVDVQHELAGLVDQGATFCAMEVSSHGLVQHRVAALKFAASVFTNLSRDHLDYHGDMEHYEAAKWLLYSEHHCGQAII
NADDEVGRRWLAKLPDAVAVSMEDHINPNCHGRWLKATEVNYHDSGATIRFSSSWGDGEIESHLMGAFNVSNLLLALATL
LALGYPLADLLKTAARLQPVCGRMEVFTAPGKPTVVVDYAHTPDALEKALQAARLHCAGKLWCVFGCGGDRDKGKRPLMG
AIAEEFADVAVVTDDNPRTEEPRAIINDILAGMLDAGHAKVMEGRAEAVTCAVMQAKENDVVLVAGKGHEDYQIVGNQRL
DYSDRVTVARLLGVIA
;
_entity_poly.pdbx_strand_id   A,B
#
loop_
_chem_comp.id
_chem_comp.type
_chem_comp.name
_chem_comp.formula
DMS non-polymer 'DIMETHYL SULFOXIDE' 'C2 H6 O S'
LVV non-polymer '4-[(4-methylphenyl)methyl]-1,4-thiazinane 1,1-dioxide' 'C12 H17 N O2 S'
#
# COMPACT_ATOMS: atom_id res chain seq x y z
N ARG A 5 15.18 17.05 8.74
CA ARG A 5 15.08 17.58 7.35
C ARG A 5 16.37 18.29 6.96
N ASN A 6 17.09 17.70 5.99
CA ASN A 6 18.38 18.17 5.52
C ASN A 6 18.36 18.48 4.03
N LEU A 7 18.84 19.66 3.65
CA LEU A 7 18.92 20.08 2.25
C LEU A 7 19.62 19.04 1.37
N ARG A 8 20.70 18.45 1.88
CA ARG A 8 21.51 17.47 1.16
C ARG A 8 20.68 16.22 0.82
N ASP A 9 20.02 15.66 1.83
CA ASP A 9 19.14 14.49 1.65
C ASP A 9 17.91 14.84 0.81
N LEU A 10 17.34 16.03 1.03
CA LEU A 10 16.18 16.49 0.28
C LEU A 10 16.44 16.41 -1.22
N LEU A 11 17.61 16.91 -1.65
CA LEU A 11 17.95 17.03 -3.07
C LEU A 11 18.73 15.85 -3.66
N ALA A 12 19.06 14.87 -2.81
CA ALA A 12 19.84 13.70 -3.21
C ALA A 12 19.38 13.05 -4.52
N PRO A 13 18.07 12.83 -4.75
CA PRO A 13 17.60 12.25 -6.01
C PRO A 13 17.90 13.10 -7.26
N TRP A 14 18.11 14.41 -7.08
CA TRP A 14 18.27 15.35 -8.20
C TRP A 14 19.64 16.05 -8.25
N VAL A 15 20.15 16.47 -7.09
CA VAL A 15 21.42 17.21 -6.98
C VAL A 15 22.35 16.53 -5.98
N PRO A 16 23.36 15.74 -6.44
CA PRO A 16 24.14 14.90 -5.55
C PRO A 16 25.07 15.63 -4.57
N ASP A 17 25.60 16.78 -4.98
CA ASP A 17 26.65 17.50 -4.23
C ASP A 17 26.11 18.63 -3.34
N ALA A 18 24.81 18.58 -3.01
CA ALA A 18 24.12 19.65 -2.30
C ALA A 18 24.68 19.85 -0.89
N PRO A 19 24.87 21.11 -0.42
CA PRO A 19 25.31 21.35 0.96
C PRO A 19 24.38 20.79 2.02
N SER A 20 24.95 20.43 3.17
CA SER A 20 24.21 19.97 4.34
C SER A 20 23.70 21.18 5.15
N ARG A 21 22.36 21.29 5.23
CA ARG A 21 21.68 22.28 6.05
C ARG A 21 20.46 21.68 6.70
N ALA A 22 20.30 21.90 8.01
CA ALA A 22 19.05 21.62 8.68
C ALA A 22 18.00 22.60 8.16
N LEU A 23 16.80 22.10 7.89
CA LEU A 23 15.70 22.90 7.37
C LEU A 23 14.49 22.77 8.29
N ARG A 24 13.80 23.89 8.53
CA ARG A 24 12.61 23.93 9.37
C ARG A 24 11.37 23.62 8.53
N GLU A 25 10.84 24.66 7.86
CA GLU A 25 9.65 24.55 7.04
C GLU A 25 9.96 24.93 5.60
N MET A 26 9.10 24.47 4.69
CA MET A 26 9.19 24.76 3.27
C MET A 26 8.08 25.73 2.96
N THR A 27 8.42 26.86 2.32
CA THR A 27 7.44 27.87 1.94
C THR A 27 7.77 28.53 0.60
N LEU A 28 6.72 28.91 -0.13
CA LEU A 28 6.82 29.67 -1.38
C LEU A 28 6.65 31.17 -1.13
N ASP A 29 6.26 31.53 0.10
CA ASP A 29 5.92 32.90 0.46
C ASP A 29 7.05 33.52 1.27
N SER A 30 7.80 34.44 0.64
CA SER A 30 8.92 35.13 1.26
C SER A 30 8.55 35.94 2.52
N ARG A 31 7.29 36.38 2.60
CA ARG A 31 6.77 37.12 3.76
C ARG A 31 6.80 36.29 5.05
N VAL A 32 6.41 35.02 4.96
CA VAL A 32 6.35 34.12 6.12
C VAL A 32 7.67 33.36 6.34
N ALA A 33 8.57 33.42 5.36
CA ALA A 33 9.86 32.73 5.40
C ALA A 33 10.70 33.20 6.57
N ALA A 34 10.85 32.34 7.58
CA ALA A 34 11.58 32.63 8.81
C ALA A 34 12.94 31.93 8.85
N ALA A 35 13.71 32.20 9.92
CA ALA A 35 15.01 31.61 10.13
C ALA A 35 14.95 30.08 10.08
N GLY A 36 15.89 29.47 9.34
CA GLY A 36 15.98 28.03 9.18
C GLY A 36 15.09 27.39 8.13
N ASP A 37 14.22 28.19 7.50
CA ASP A 37 13.29 27.70 6.47
C ASP A 37 13.98 27.44 5.12
N LEU A 38 13.32 26.61 4.30
CA LEU A 38 13.65 26.43 2.92
C LEU A 38 12.66 27.29 2.15
N PHE A 39 13.15 28.35 1.53
CA PHE A 39 12.35 29.21 0.67
C PHE A 39 12.42 28.66 -0.75
N VAL A 40 11.25 28.50 -1.39
CA VAL A 40 11.19 28.01 -2.76
C VAL A 40 10.67 29.12 -3.65
N ALA A 41 11.52 29.55 -4.59
CA ALA A 41 11.25 30.68 -5.47
C ALA A 41 10.78 30.20 -6.83
N VAL A 42 9.48 30.35 -7.11
CA VAL A 42 8.87 29.85 -8.34
C VAL A 42 8.39 30.98 -9.24
N VAL A 43 8.22 30.67 -10.53
CA VAL A 43 7.67 31.58 -11.52
C VAL A 43 6.28 31.10 -11.90
N GLY A 44 5.30 32.03 -11.86
CA GLY A 44 3.92 31.77 -12.23
C GLY A 44 3.32 32.91 -13.04
N HIS A 45 2.00 33.04 -12.99
CA HIS A 45 1.28 34.14 -13.64
C HIS A 45 1.61 35.47 -12.96
N GLN A 46 2.34 36.33 -13.69
CA GLN A 46 2.85 37.63 -13.21
C GLN A 46 4.00 37.51 -12.19
N ALA A 47 3.80 36.68 -11.16
CA ALA A 47 4.71 36.57 -10.03
C ALA A 47 6.00 35.80 -10.36
N ASP A 48 7.14 36.35 -9.91
CA ASP A 48 8.43 35.67 -9.96
C ASP A 48 9.10 35.71 -8.59
N GLY A 49 9.04 34.59 -7.87
CA GLY A 49 9.57 34.44 -6.52
C GLY A 49 11.05 34.75 -6.32
N ARG A 50 11.84 34.66 -7.41
CA ARG A 50 13.28 34.92 -7.36
C ARG A 50 13.58 36.38 -7.00
N ARG A 51 12.63 37.26 -7.31
CA ARG A 51 12.65 38.65 -6.89
C ARG A 51 12.94 38.77 -5.40
N TYR A 52 12.29 37.93 -4.59
CA TYR A 52 12.33 38.00 -3.13
C TYR A 52 13.44 37.14 -2.49
N ILE A 53 14.45 36.75 -3.28
CA ILE A 53 15.59 35.98 -2.77
C ILE A 53 16.38 36.76 -1.73
N PRO A 54 16.74 38.05 -1.98
CA PRO A 54 17.44 38.86 -0.97
C PRO A 54 16.67 39.06 0.35
N GLN A 55 15.36 39.32 0.26
CA GLN A 55 14.49 39.45 1.44
C GLN A 55 14.51 38.18 2.30
N ALA A 56 14.32 37.03 1.63
CA ALA A 56 14.33 35.71 2.27
C ALA A 56 15.67 35.45 2.95
N ILE A 57 16.76 35.76 2.23
CA ILE A 57 18.12 35.67 2.78
C ILE A 57 18.26 36.56 4.01
N ALA A 58 17.80 37.82 3.88
CA ALA A 58 17.86 38.80 4.96
C ALA A 58 17.06 38.34 6.20
N GLN A 59 15.99 37.57 5.98
CA GLN A 59 15.17 37.01 7.05
C GLN A 59 15.71 35.69 7.63
N GLY A 60 16.87 35.25 7.12
CA GLY A 60 17.64 34.16 7.69
C GLY A 60 17.24 32.75 7.27
N VAL A 61 16.63 32.61 6.08
CA VAL A 61 16.30 31.29 5.55
C VAL A 61 17.57 30.46 5.48
N ALA A 62 17.46 29.16 5.78
CA ALA A 62 18.59 28.24 5.74
C ALA A 62 19.07 27.96 4.29
N ALA A 63 18.12 27.94 3.35
CA ALA A 63 18.41 27.65 1.95
C ALA A 63 17.28 28.02 1.01
N ILE A 64 17.59 28.08 -0.29
CA ILE A 64 16.63 28.45 -1.32
C ILE A 64 16.71 27.49 -2.49
N ILE A 65 15.55 27.13 -3.04
CA ILE A 65 15.45 26.41 -4.30
C ILE A 65 14.68 27.32 -5.25
N ALA A 66 15.22 27.53 -6.46
CA ALA A 66 14.75 28.55 -7.38
C ALA A 66 14.65 28.03 -8.82
N GLU A 67 13.65 28.53 -9.54
CA GLU A 67 13.47 28.27 -10.96
C GLU A 67 14.76 28.63 -11.71
N ALA A 68 15.32 27.65 -12.44
CA ALA A 68 16.57 27.82 -13.17
C ALA A 68 16.40 28.62 -14.47
N LYS A 69 15.16 28.72 -14.97
CA LYS A 69 14.85 29.36 -16.26
C LYS A 69 15.49 30.74 -16.40
N ASP A 70 16.38 30.87 -17.39
CA ASP A 70 17.06 32.13 -17.78
C ASP A 70 18.28 32.49 -16.92
N GLU A 71 18.23 32.16 -15.62
CA GLU A 71 19.23 32.60 -14.66
C GLU A 71 20.31 31.56 -14.33
N ALA A 72 20.06 30.29 -14.66
CA ALA A 72 20.97 29.20 -14.29
C ALA A 72 20.67 27.89 -15.02
N THR A 73 21.59 26.92 -14.87
CA THR A 73 21.41 25.56 -15.35
C THR A 73 20.79 24.67 -14.28
N ASP A 74 20.18 23.56 -14.69
CA ASP A 74 19.54 22.62 -13.77
C ASP A 74 20.62 22.04 -12.86
N GLY A 75 20.32 22.00 -11.55
CA GLY A 75 21.23 21.48 -10.54
C GLY A 75 22.36 22.41 -10.16
N GLU A 76 22.34 23.65 -10.66
CA GLU A 76 23.37 24.63 -10.38
C GLU A 76 23.27 25.08 -8.93
N ILE A 77 24.35 24.82 -8.17
CA ILE A 77 24.48 25.23 -6.79
C ILE A 77 25.24 26.55 -6.71
N ARG A 78 24.55 27.60 -6.24
CA ARG A 78 25.15 28.89 -5.98
C ARG A 78 25.08 29.18 -4.49
N GLU A 79 25.79 30.24 -4.08
CA GLU A 79 25.93 30.63 -2.68
C GLU A 79 25.87 32.15 -2.58
N MET A 80 24.88 32.67 -1.85
CA MET A 80 24.64 34.08 -1.70
C MET A 80 24.52 34.41 -0.21
N HIS A 81 25.43 35.27 0.27
CA HIS A 81 25.54 35.62 1.70
C HIS A 81 25.64 34.37 2.61
N GLY A 82 26.33 33.34 2.13
CA GLY A 82 26.50 32.11 2.89
C GLY A 82 25.35 31.11 2.83
N VAL A 83 24.23 31.52 2.22
CA VAL A 83 23.04 30.68 2.02
C VAL A 83 23.05 29.97 0.67
N PRO A 84 22.87 28.62 0.61
CA PRO A 84 22.81 27.92 -0.66
C PRO A 84 21.57 28.33 -1.47
N VAL A 85 21.77 28.60 -2.76
CA VAL A 85 20.70 28.84 -3.72
C VAL A 85 20.91 27.79 -4.80
N ILE A 86 20.02 26.79 -4.83
CA ILE A 86 20.06 25.70 -5.78
C ILE A 86 18.97 25.89 -6.82
N TYR A 87 19.37 25.91 -8.10
CA TYR A 87 18.47 26.17 -9.21
C TYR A 87 18.04 24.86 -9.87
N LEU A 88 16.74 24.75 -10.13
CA LEU A 88 16.14 23.58 -10.77
C LEU A 88 15.26 24.02 -11.91
N SER A 89 15.40 23.37 -13.07
N SER A 89 15.39 23.36 -13.06
CA SER A 89 14.54 23.60 -14.22
CA SER A 89 14.54 23.61 -14.22
C SER A 89 13.16 23.00 -13.97
C SER A 89 13.17 22.99 -13.98
N GLN A 90 12.13 23.60 -14.57
CA GLN A 90 10.74 23.15 -14.46
C GLN A 90 10.31 22.89 -13.00
N LEU A 91 10.63 23.85 -12.14
CA LEU A 91 10.42 23.74 -10.70
C LEU A 91 8.95 23.55 -10.30
N ASN A 92 8.04 24.20 -11.04
CA ASN A 92 6.59 24.03 -10.85
C ASN A 92 6.16 22.57 -11.03
N GLU A 93 6.77 21.89 -12.01
CA GLU A 93 6.50 20.48 -12.28
C GLU A 93 7.02 19.56 -11.18
N ARG A 94 8.09 20.00 -10.49
CA ARG A 94 8.81 19.15 -9.53
C ARG A 94 8.51 19.48 -8.07
N LEU A 95 7.71 20.52 -7.85
CA LEU A 95 7.40 21.03 -6.52
C LEU A 95 6.70 19.97 -5.67
N SER A 96 5.75 19.23 -6.26
CA SER A 96 5.05 18.17 -5.53
C SER A 96 6.03 17.10 -5.04
N ALA A 97 6.95 16.68 -5.92
CA ALA A 97 7.95 15.68 -5.56
C ALA A 97 8.90 16.21 -4.48
N LEU A 98 9.37 17.44 -4.67
CA LEU A 98 10.24 18.10 -3.71
C LEU A 98 9.60 18.11 -2.32
N ALA A 99 8.36 18.61 -2.25
CA ALA A 99 7.59 18.70 -1.00
C ALA A 99 7.28 17.33 -0.42
N GLY A 100 6.90 16.37 -1.28
CA GLY A 100 6.67 15.00 -0.87
C GLY A 100 7.84 14.43 -0.09
N ARG A 101 9.05 14.61 -0.63
CA ARG A 101 10.28 14.14 0.00
C ARG A 101 10.55 14.89 1.30
N PHE A 102 10.38 16.21 1.28
CA PHE A 102 10.52 17.05 2.47
C PHE A 102 9.63 16.59 3.62
N TYR A 103 8.37 16.25 3.31
CA TYR A 103 7.37 15.86 4.31
C TYR A 103 7.26 14.34 4.55
N HIS A 104 8.30 13.61 4.15
CA HIS A 104 8.43 12.17 4.39
C HIS A 104 7.35 11.34 3.70
N GLU A 105 7.02 11.72 2.46
CA GLU A 105 6.16 10.94 1.56
C GLU A 105 4.86 10.50 2.24
N PRO A 106 4.01 11.46 2.68
CA PRO A 106 2.79 11.11 3.41
C PRO A 106 1.82 10.22 2.62
N SER A 107 1.78 10.33 1.29
CA SER A 107 0.90 9.50 0.47
C SER A 107 1.36 8.02 0.41
N ASP A 108 2.61 7.75 0.82
CA ASP A 108 3.12 6.38 0.98
C ASP A 108 2.88 5.85 2.39
N ASN A 109 2.31 6.68 3.27
CA ASN A 109 2.06 6.33 4.67
C ASN A 109 0.59 6.37 5.08
N LEU A 110 -0.29 6.45 4.07
CA LEU A 110 -1.70 6.19 4.23
C LEU A 110 -2.26 5.80 2.85
N ARG A 111 -3.49 5.30 2.83
CA ARG A 111 -4.21 4.98 1.58
C ARG A 111 -4.90 6.25 1.10
N LEU A 112 -4.41 6.81 0.00
CA LEU A 112 -4.91 8.05 -0.58
C LEU A 112 -5.78 7.72 -1.77
N VAL A 113 -7.05 8.14 -1.71
CA VAL A 113 -7.95 8.02 -2.84
C VAL A 113 -8.30 9.40 -3.35
N GLY A 114 -8.05 9.63 -4.65
CA GLY A 114 -8.37 10.85 -5.34
C GLY A 114 -9.69 10.75 -6.05
N VAL A 115 -10.48 11.83 -5.99
CA VAL A 115 -11.79 11.90 -6.64
C VAL A 115 -11.81 13.14 -7.50
N THR A 116 -12.14 12.96 -8.79
CA THR A 116 -12.17 14.03 -9.76
C THR A 116 -13.48 13.97 -10.55
N GLY A 117 -13.90 15.13 -11.08
CA GLY A 117 -15.14 15.26 -11.82
C GLY A 117 -15.87 16.52 -11.41
N THR A 118 -16.96 16.84 -12.11
CA THR A 118 -17.69 18.07 -11.89
C THR A 118 -18.68 17.92 -10.75
N ASN A 119 -19.45 16.82 -10.79
CA ASN A 119 -20.49 16.53 -9.81
C ASN A 119 -20.10 15.36 -8.92
N GLY A 120 -20.66 15.36 -7.70
CA GLY A 120 -20.52 14.26 -6.77
C GLY A 120 -19.15 14.02 -6.17
N LYS A 121 -18.20 14.96 -6.39
N LYS A 121 -18.22 14.98 -6.38
CA LYS A 121 -16.85 14.88 -5.84
CA LYS A 121 -16.87 14.91 -5.88
C LYS A 121 -16.89 14.90 -4.34
C LYS A 121 -16.87 14.92 -4.35
N THR A 122 -17.59 15.90 -3.78
CA THR A 122 -17.63 16.11 -2.34
C THR A 122 -18.28 14.94 -1.63
N THR A 123 -19.42 14.49 -2.16
CA THR A 123 -20.17 13.40 -1.58
C THR A 123 -19.41 12.09 -1.66
N THR A 124 -18.85 11.79 -2.83
CA THR A 124 -18.11 10.53 -3.04
C THR A 124 -16.87 10.48 -2.11
N THR A 125 -16.18 11.62 -2.00
CA THR A 125 -15.07 11.81 -1.07
C THR A 125 -15.50 11.49 0.38
N GLN A 126 -16.63 12.05 0.81
N GLN A 126 -16.62 12.05 0.81
CA GLN A 126 -17.13 11.84 2.18
CA GLN A 126 -17.13 11.85 2.17
C GLN A 126 -17.55 10.40 2.42
C GLN A 126 -17.55 10.41 2.42
N LEU A 127 -18.19 9.79 1.43
CA LEU A 127 -18.61 8.39 1.52
C LEU A 127 -17.39 7.47 1.66
N LEU A 128 -16.33 7.76 0.87
CA LEU A 128 -15.10 6.97 0.93
C LEU A 128 -14.51 7.04 2.34
N ALA A 129 -14.40 8.26 2.87
CA ALA A 129 -13.84 8.51 4.18
C ALA A 129 -14.68 7.84 5.29
N GLN A 130 -16.01 7.99 5.22
CA GLN A 130 -16.96 7.40 6.17
C GLN A 130 -16.92 5.90 6.17
N TRP A 131 -16.96 5.31 4.97
CA TRP A 131 -17.07 3.86 4.81
C TRP A 131 -15.79 3.16 5.28
N SER A 132 -14.65 3.70 4.84
CA SER A 132 -13.35 3.22 5.26
C SER A 132 -13.21 3.27 6.79
N GLN A 133 -13.69 4.35 7.41
CA GLN A 133 -13.60 4.51 8.87
C GLN A 133 -14.48 3.48 9.60
N LEU A 134 -15.68 3.24 9.08
CA LEU A 134 -16.56 2.18 9.57
C LEU A 134 -15.90 0.82 9.53
N LEU A 135 -15.00 0.61 8.55
CA LEU A 135 -14.25 -0.63 8.41
C LEU A 135 -12.96 -0.64 9.23
N GLY A 136 -12.70 0.44 9.99
CA GLY A 136 -11.62 0.47 10.96
C GLY A 136 -10.45 1.41 10.69
N GLU A 137 -10.48 2.13 9.57
CA GLU A 137 -9.46 3.13 9.28
C GLU A 137 -9.68 4.35 10.16
N ILE A 138 -8.65 5.19 10.29
CA ILE A 138 -8.80 6.55 10.79
C ILE A 138 -8.75 7.43 9.55
N SER A 139 -9.93 7.87 9.11
CA SER A 139 -10.08 8.49 7.81
C SER A 139 -10.09 10.01 7.88
N ALA A 140 -9.69 10.63 6.77
CA ALA A 140 -9.57 12.07 6.64
C ALA A 140 -10.08 12.46 5.26
N VAL A 141 -10.39 13.76 5.10
CA VAL A 141 -10.77 14.31 3.84
C VAL A 141 -9.93 15.53 3.55
N MET A 142 -9.68 15.75 2.27
CA MET A 142 -9.08 16.99 1.76
C MET A 142 -9.91 17.42 0.55
N GLY A 143 -10.22 18.71 0.48
CA GLY A 143 -11.09 19.23 -0.56
C GLY A 143 -11.60 20.62 -0.29
N THR A 144 -12.80 20.90 -0.82
CA THR A 144 -13.39 22.24 -0.84
C THR A 144 -14.15 22.57 0.46
N VAL A 145 -14.76 21.54 1.06
CA VAL A 145 -15.38 21.66 2.38
C VAL A 145 -14.30 21.86 3.47
N GLY A 146 -13.08 21.38 3.19
CA GLY A 146 -11.90 21.61 4.01
C GLY A 146 -11.00 20.38 4.11
N ASN A 147 -9.96 20.49 4.94
CA ASN A 147 -9.07 19.39 5.25
C ASN A 147 -9.18 19.03 6.73
N GLY A 148 -9.07 17.74 7.04
CA GLY A 148 -9.02 17.26 8.42
C GLY A 148 -9.49 15.84 8.58
N LEU A 149 -9.26 15.27 9.77
CA LEU A 149 -9.81 13.98 10.14
C LEU A 149 -11.32 14.07 10.08
N LEU A 150 -11.96 12.92 9.87
CA LEU A 150 -13.41 12.86 9.72
C LEU A 150 -14.08 13.43 10.97
N GLY A 151 -14.97 14.42 10.78
CA GLY A 151 -15.66 15.10 11.86
C GLY A 151 -14.93 16.31 12.43
N LYS A 152 -13.68 16.53 11.99
CA LYS A 152 -12.84 17.62 12.46
C LYS A 152 -12.21 18.36 11.27
N VAL A 153 -13.03 18.65 10.27
CA VAL A 153 -12.57 19.29 9.03
C VAL A 153 -12.45 20.80 9.25
N ILE A 154 -11.25 21.34 9.01
CA ILE A 154 -10.95 22.77 9.12
C ILE A 154 -11.22 23.42 7.76
N PRO A 155 -12.18 24.36 7.66
CA PRO A 155 -12.51 24.98 6.37
C PRO A 155 -11.32 25.56 5.59
N THR A 156 -11.35 25.41 4.26
CA THR A 156 -10.39 26.01 3.34
C THR A 156 -10.97 27.31 2.77
N GLU A 157 -11.46 28.17 3.69
CA GLU A 157 -12.26 29.36 3.38
C GLU A 157 -11.81 30.19 2.16
N ASN A 158 -10.56 30.66 2.16
CA ASN A 158 -10.04 31.59 1.17
C ASN A 158 -8.54 31.33 0.99
N THR A 159 -8.19 30.05 0.81
CA THR A 159 -6.80 29.62 0.75
C THR A 159 -6.59 28.60 -0.38
N THR A 160 -5.95 29.06 -1.46
CA THR A 160 -5.58 28.23 -2.59
C THR A 160 -4.33 27.42 -2.25
N GLY A 161 -4.47 26.10 -2.23
CA GLY A 161 -3.40 25.18 -1.89
C GLY A 161 -2.46 24.87 -3.04
N SER A 162 -1.18 25.22 -2.86
CA SER A 162 -0.10 24.85 -3.78
C SER A 162 0.30 23.39 -3.61
N ALA A 163 1.22 22.93 -4.46
CA ALA A 163 1.77 21.57 -4.38
C ALA A 163 2.45 21.31 -3.04
N VAL A 164 3.04 22.36 -2.44
CA VAL A 164 3.68 22.28 -1.13
C VAL A 164 2.64 22.12 -0.01
N ASP A 165 1.61 22.96 -0.05
CA ASP A 165 0.49 22.91 0.92
C ASP A 165 -0.20 21.56 0.94
N VAL A 166 -0.42 20.99 -0.26
CA VAL A 166 -1.06 19.68 -0.39
C VAL A 166 -0.25 18.63 0.38
N GLN A 167 1.07 18.62 0.17
CA GLN A 167 1.93 17.62 0.80
C GLN A 167 2.00 17.88 2.29
N HIS A 168 2.14 19.16 2.67
CA HIS A 168 2.18 19.61 4.05
C HIS A 168 0.95 19.16 4.83
N GLU A 169 -0.23 19.45 4.29
CA GLU A 169 -1.50 19.11 4.92
C GLU A 169 -1.70 17.60 5.03
N LEU A 170 -1.26 16.86 4.01
CA LEU A 170 -1.34 15.40 4.02
C LEU A 170 -0.42 14.83 5.11
N ALA A 171 0.77 15.42 5.26
CA ALA A 171 1.69 15.05 6.33
C ALA A 171 1.10 15.36 7.70
N GLY A 172 0.39 16.49 7.81
CA GLY A 172 -0.34 16.86 9.00
C GLY A 172 -1.34 15.80 9.43
N LEU A 173 -2.11 15.30 8.45
CA LEU A 173 -3.07 14.22 8.68
C LEU A 173 -2.38 12.92 9.08
N VAL A 174 -1.24 12.61 8.43
CA VAL A 174 -0.46 11.44 8.79
C VAL A 174 -0.03 11.54 10.26
N ASP A 175 0.46 12.72 10.67
CA ASP A 175 0.88 12.97 12.05
C ASP A 175 -0.25 12.77 13.06
N GLN A 176 -1.47 13.13 12.67
CA GLN A 176 -2.65 12.97 13.50
C GLN A 176 -3.22 11.53 13.55
N GLY A 177 -2.57 10.59 12.84
CA GLY A 177 -2.92 9.17 12.89
C GLY A 177 -3.77 8.65 11.74
N ALA A 178 -4.04 9.50 10.75
CA ALA A 178 -4.85 9.12 9.59
C ALA A 178 -4.19 7.96 8.82
N THR A 179 -5.00 6.94 8.51
CA THR A 179 -4.58 5.79 7.69
C THR A 179 -5.25 5.80 6.31
N PHE A 180 -6.20 6.71 6.11
CA PHE A 180 -6.98 6.80 4.88
C PHE A 180 -7.34 8.26 4.65
N CYS A 181 -7.18 8.72 3.41
CA CYS A 181 -7.57 10.06 3.03
C CYS A 181 -8.25 10.05 1.68
N ALA A 182 -9.47 10.59 1.65
CA ALA A 182 -10.22 10.81 0.42
C ALA A 182 -10.03 12.27 0.05
N MET A 183 -9.45 12.51 -1.14
CA MET A 183 -9.05 13.84 -1.59
C MET A 183 -9.78 14.23 -2.87
N GLU A 184 -10.47 15.38 -2.83
CA GLU A 184 -11.00 16.01 -4.02
C GLU A 184 -9.83 16.59 -4.82
N VAL A 185 -9.74 16.24 -6.10
CA VAL A 185 -8.76 16.79 -7.02
C VAL A 185 -9.47 17.62 -8.08
N SER A 186 -9.25 18.94 -8.02
CA SER A 186 -9.81 19.88 -8.98
C SER A 186 -9.11 19.76 -10.34
N SER A 187 -9.84 20.02 -11.41
CA SER A 187 -9.30 20.08 -12.76
C SER A 187 -8.07 21.00 -12.80
N HIS A 188 -8.20 22.17 -12.15
CA HIS A 188 -7.15 23.17 -12.09
C HIS A 188 -5.91 22.67 -11.34
N GLY A 189 -6.15 22.01 -10.20
CA GLY A 189 -5.11 21.40 -9.39
C GLY A 189 -4.24 20.41 -10.16
N LEU A 190 -4.88 19.55 -10.94
CA LEU A 190 -4.19 18.54 -11.74
C LEU A 190 -3.30 19.20 -12.78
N VAL A 191 -3.87 20.17 -13.52
CA VAL A 191 -3.15 20.86 -14.59
C VAL A 191 -1.92 21.62 -14.05
N GLN A 192 -2.07 22.21 -12.86
CA GLN A 192 -0.99 22.97 -12.23
C GLN A 192 -0.01 22.11 -11.43
N HIS A 193 -0.08 20.78 -11.61
CA HIS A 193 0.85 19.83 -11.02
C HIS A 193 0.85 19.82 -9.49
N ARG A 194 -0.31 20.13 -8.91
CA ARG A 194 -0.45 20.23 -7.46
C ARG A 194 -0.56 18.88 -6.75
N VAL A 195 -0.83 17.81 -7.51
CA VAL A 195 -0.85 16.46 -6.97
C VAL A 195 0.08 15.54 -7.75
N ALA A 196 1.03 16.14 -8.46
CA ALA A 196 1.90 15.43 -9.39
C ALA A 196 2.66 14.22 -8.80
N ALA A 197 3.14 14.32 -7.55
CA ALA A 197 3.95 13.25 -6.94
C ALA A 197 3.21 12.39 -5.92
N LEU A 198 1.89 12.58 -5.80
CA LEU A 198 1.10 11.83 -4.84
C LEU A 198 0.87 10.42 -5.34
N LYS A 199 1.10 9.45 -4.45
CA LYS A 199 0.80 8.06 -4.74
C LYS A 199 -0.66 7.78 -4.38
N PHE A 200 -1.52 7.92 -5.38
CA PHE A 200 -2.93 7.57 -5.23
C PHE A 200 -3.07 6.05 -5.29
N ALA A 201 -3.71 5.49 -4.26
CA ALA A 201 -4.10 4.09 -4.22
C ALA A 201 -5.21 3.85 -5.23
N ALA A 202 -6.10 4.84 -5.36
CA ALA A 202 -7.15 4.80 -6.36
C ALA A 202 -7.50 6.20 -6.83
N SER A 203 -7.97 6.28 -8.07
CA SER A 203 -8.49 7.51 -8.66
C SER A 203 -9.91 7.25 -9.16
N VAL A 204 -10.85 8.05 -8.67
CA VAL A 204 -12.27 7.91 -8.93
C VAL A 204 -12.73 9.04 -9.83
N PHE A 205 -13.41 8.70 -10.94
CA PHE A 205 -13.90 9.66 -11.91
C PHE A 205 -15.42 9.62 -11.92
N THR A 206 -16.03 10.61 -11.24
CA THR A 206 -17.49 10.70 -11.13
C THR A 206 -18.05 11.06 -12.50
N ASN A 207 -17.27 11.84 -13.26
CA ASN A 207 -17.50 12.08 -14.68
C ASN A 207 -16.22 12.66 -15.31
N LEU A 208 -16.08 12.45 -16.63
CA LEU A 208 -14.99 13.03 -17.43
C LEU A 208 -15.45 14.03 -18.51
N SER A 209 -16.77 14.07 -18.76
CA SER A 209 -17.37 15.01 -19.70
C SER A 209 -17.27 16.43 -19.18
N ARG A 210 -17.28 17.40 -20.09
CA ARG A 210 -17.30 18.84 -19.77
C ARG A 210 -18.12 19.56 -20.83
N ASP A 211 -18.62 20.75 -20.47
CA ASP A 211 -19.27 21.65 -21.42
C ASP A 211 -18.22 22.25 -22.37
N HIS A 212 -18.71 22.87 -23.44
CA HIS A 212 -17.89 23.60 -24.42
C HIS A 212 -16.90 22.72 -25.19
N LEU A 213 -17.26 21.44 -25.39
CA LEU A 213 -16.43 20.47 -26.10
C LEU A 213 -17.17 19.81 -27.28
N ASP A 214 -18.02 20.59 -27.95
CA ASP A 214 -18.85 20.12 -29.07
C ASP A 214 -18.08 19.82 -30.35
N TYR A 215 -17.06 20.65 -30.63
CA TYR A 215 -16.16 20.41 -31.76
C TYR A 215 -15.27 19.20 -31.49
N HIS A 216 -15.14 18.32 -32.49
CA HIS A 216 -14.35 17.09 -32.38
C HIS A 216 -12.92 17.37 -31.94
N GLY A 217 -12.32 18.42 -32.53
CA GLY A 217 -10.96 18.85 -32.20
C GLY A 217 -10.79 19.24 -30.74
N ASP A 218 -11.77 19.99 -30.21
CA ASP A 218 -11.77 20.44 -28.82
C ASP A 218 -11.89 19.28 -27.84
N MET A 219 -12.86 18.40 -28.08
CA MET A 219 -13.02 17.15 -27.32
C MET A 219 -11.72 16.34 -27.38
N GLU A 220 -11.18 16.18 -28.60
CA GLU A 220 -9.91 15.49 -28.83
C GLU A 220 -8.75 16.05 -28.02
N HIS A 221 -8.62 17.39 -28.02
CA HIS A 221 -7.54 18.05 -27.29
C HIS A 221 -7.72 17.94 -25.79
N TYR A 222 -8.96 18.11 -25.32
CA TYR A 222 -9.31 17.96 -23.91
C TYR A 222 -8.91 16.57 -23.41
N GLU A 223 -9.38 15.53 -24.09
CA GLU A 223 -9.06 14.15 -23.73
C GLU A 223 -7.56 13.90 -23.71
N ALA A 224 -6.86 14.42 -24.73
CA ALA A 224 -5.41 14.23 -24.90
C ALA A 224 -4.65 14.93 -23.79
N ALA A 225 -5.09 16.15 -23.45
CA ALA A 225 -4.50 16.90 -22.37
C ALA A 225 -4.60 16.11 -21.06
N LYS A 226 -5.80 15.59 -20.76
CA LYS A 226 -6.04 14.84 -19.53
C LYS A 226 -5.28 13.51 -19.50
N TRP A 227 -5.39 12.75 -20.60
CA TRP A 227 -4.78 11.43 -20.71
C TRP A 227 -3.27 11.55 -20.49
N LEU A 228 -2.66 12.57 -21.11
CA LEU A 228 -1.24 12.88 -20.93
C LEU A 228 -0.89 13.05 -19.45
N LEU A 229 -1.65 13.92 -18.78
CA LEU A 229 -1.48 14.20 -17.35
C LEU A 229 -1.55 12.92 -16.52
N TYR A 230 -2.59 12.11 -16.76
CA TYR A 230 -2.78 10.87 -16.00
C TYR A 230 -1.67 9.85 -16.24
N SER A 231 -1.07 9.87 -17.45
CA SER A 231 0.07 9.02 -17.77
C SER A 231 1.31 9.37 -16.94
N GLU A 232 1.38 10.62 -16.45
CA GLU A 232 2.49 11.12 -15.65
C GLU A 232 2.28 10.93 -14.14
N HIS A 233 1.03 10.69 -13.73
CA HIS A 233 0.67 10.53 -12.31
C HIS A 233 0.60 9.07 -11.91
N HIS A 234 0.77 8.83 -10.61
CA HIS A 234 0.52 7.53 -9.99
C HIS A 234 -0.95 7.49 -9.55
N CYS A 235 -1.82 7.00 -10.45
CA CYS A 235 -3.27 7.02 -10.27
C CYS A 235 -3.79 5.84 -9.47
N GLY A 236 -3.02 4.75 -9.45
CA GLY A 236 -3.41 3.52 -8.79
C GLY A 236 -4.58 2.92 -9.56
N GLN A 237 -5.53 2.33 -8.83
CA GLN A 237 -6.72 1.76 -9.46
C GLN A 237 -7.71 2.84 -9.91
N ALA A 238 -8.11 2.76 -11.17
CA ALA A 238 -9.02 3.72 -11.78
C ALA A 238 -10.43 3.17 -11.63
N ILE A 239 -11.30 3.99 -11.04
CA ILE A 239 -12.70 3.68 -10.85
C ILE A 239 -13.47 4.74 -11.59
N ILE A 240 -14.20 4.33 -12.65
CA ILE A 240 -14.78 5.24 -13.61
C ILE A 240 -16.28 5.05 -13.76
N ASN A 241 -17.00 6.17 -13.67
CA ASN A 241 -18.44 6.20 -13.89
C ASN A 241 -18.73 5.97 -15.36
N ALA A 242 -19.30 4.80 -15.70
CA ALA A 242 -19.63 4.44 -17.08
C ALA A 242 -20.91 5.07 -17.62
N ASP A 243 -21.65 5.79 -16.77
CA ASP A 243 -22.85 6.51 -17.19
C ASP A 243 -22.49 7.87 -17.83
N ASP A 244 -21.20 8.22 -17.75
CA ASP A 244 -20.61 9.35 -18.45
C ASP A 244 -20.09 8.89 -19.82
N GLU A 245 -20.32 9.71 -20.84
CA GLU A 245 -19.94 9.40 -22.23
C GLU A 245 -18.44 9.23 -22.39
N VAL A 246 -17.67 10.18 -21.84
CA VAL A 246 -16.22 10.14 -21.90
C VAL A 246 -15.69 8.96 -21.07
N GLY A 247 -16.25 8.80 -19.87
CA GLY A 247 -16.02 7.65 -19.02
C GLY A 247 -16.03 6.31 -19.77
N ARG A 248 -17.09 6.05 -20.52
N ARG A 248 -17.10 6.04 -20.53
CA ARG A 248 -17.21 4.80 -21.31
CA ARG A 248 -17.22 4.81 -21.32
C ARG A 248 -16.07 4.62 -22.30
C ARG A 248 -16.07 4.62 -22.30
N ARG A 249 -15.76 5.70 -23.05
CA ARG A 249 -14.70 5.66 -24.04
C ARG A 249 -13.35 5.33 -23.41
N TRP A 250 -13.07 5.97 -22.27
CA TRP A 250 -11.87 5.71 -21.51
C TRP A 250 -11.82 4.27 -20.99
N LEU A 251 -12.94 3.80 -20.42
CA LEU A 251 -13.05 2.43 -19.94
C LEU A 251 -12.69 1.39 -21.01
N ALA A 252 -13.10 1.64 -22.26
CA ALA A 252 -12.76 0.78 -23.40
C ALA A 252 -11.26 0.65 -23.64
N LYS A 253 -10.49 1.64 -23.18
CA LYS A 253 -9.04 1.68 -23.35
C LYS A 253 -8.25 1.28 -22.09
N LEU A 254 -8.96 1.06 -20.98
CA LEU A 254 -8.37 0.80 -19.67
C LEU A 254 -8.87 -0.52 -19.11
N PRO A 255 -8.29 -1.67 -19.54
CA PRO A 255 -8.82 -2.98 -19.14
C PRO A 255 -8.73 -3.29 -17.64
N ASP A 256 -7.87 -2.58 -16.90
CA ASP A 256 -7.72 -2.73 -15.44
C ASP A 256 -8.61 -1.76 -14.63
N ALA A 257 -9.28 -0.81 -15.30
CA ALA A 257 -10.18 0.13 -14.64
C ALA A 257 -11.48 -0.57 -14.29
N VAL A 258 -12.12 -0.11 -13.21
CA VAL A 258 -13.42 -0.63 -12.77
C VAL A 258 -14.53 0.24 -13.35
N ALA A 259 -15.48 -0.39 -14.06
CA ALA A 259 -16.63 0.27 -14.63
C ALA A 259 -17.79 0.23 -13.64
N VAL A 260 -18.41 1.40 -13.41
CA VAL A 260 -19.51 1.54 -12.47
C VAL A 260 -20.70 2.19 -13.19
N SER A 261 -21.88 1.56 -13.12
CA SER A 261 -23.09 2.05 -13.77
C SER A 261 -24.34 1.80 -12.93
N MET A 262 -25.31 2.69 -13.06
CA MET A 262 -26.68 2.43 -12.60
C MET A 262 -27.67 2.61 -13.76
N GLU A 263 -27.17 2.73 -14.99
CA GLU A 263 -27.99 2.93 -16.19
C GLU A 263 -27.67 1.91 -17.30
N ASP A 264 -27.21 0.72 -16.91
CA ASP A 264 -26.97 -0.40 -17.82
C ASP A 264 -25.87 -0.13 -18.88
N HIS A 265 -24.77 0.50 -18.46
CA HIS A 265 -23.65 0.79 -19.36
C HIS A 265 -22.41 -0.10 -19.14
N ILE A 266 -22.53 -1.13 -18.31
CA ILE A 266 -21.52 -2.16 -18.18
C ILE A 266 -21.62 -3.06 -19.41
N ASN A 267 -20.47 -3.26 -20.08
CA ASN A 267 -20.36 -4.24 -21.16
C ASN A 267 -19.69 -5.52 -20.66
N PRO A 268 -20.47 -6.59 -20.39
CA PRO A 268 -19.91 -7.84 -19.84
C PRO A 268 -18.84 -8.53 -20.69
N ASN A 269 -18.81 -8.25 -22.00
CA ASN A 269 -17.89 -8.90 -22.95
C ASN A 269 -16.39 -8.63 -22.70
N CYS A 270 -16.08 -7.51 -22.05
N CYS A 270 -16.08 -7.50 -22.05
CA CYS A 270 -14.70 -7.11 -21.80
CA CYS A 270 -14.69 -7.10 -21.80
C CYS A 270 -14.03 -7.93 -20.68
C CYS A 270 -14.03 -7.93 -20.68
N HIS A 271 -14.86 -8.52 -19.81
CA HIS A 271 -14.39 -9.34 -18.67
C HIS A 271 -13.55 -8.55 -17.64
N GLY A 272 -13.77 -7.23 -17.59
CA GLY A 272 -13.07 -6.36 -16.67
C GLY A 272 -13.76 -6.45 -15.34
N ARG A 273 -13.37 -5.58 -14.41
CA ARG A 273 -14.05 -5.46 -13.14
C ARG A 273 -15.17 -4.43 -13.31
N TRP A 274 -16.31 -4.71 -12.67
CA TRP A 274 -17.49 -3.89 -12.84
C TRP A 274 -18.40 -4.00 -11.63
N LEU A 275 -19.30 -3.01 -11.51
CA LEU A 275 -20.31 -2.93 -10.48
C LEU A 275 -21.45 -2.12 -11.07
N LYS A 276 -22.67 -2.65 -10.96
CA LYS A 276 -23.85 -2.00 -11.50
C LYS A 276 -25.06 -2.20 -10.64
N ALA A 277 -25.86 -1.14 -10.51
CA ALA A 277 -27.16 -1.23 -9.87
C ALA A 277 -28.07 -1.91 -10.88
N THR A 278 -28.70 -3.01 -10.46
CA THR A 278 -29.66 -3.75 -11.27
C THR A 278 -31.09 -3.22 -11.03
N GLU A 279 -31.39 -2.85 -9.79
CA GLU A 279 -32.61 -2.10 -9.48
C GLU A 279 -32.47 -1.28 -8.22
N VAL A 280 -33.19 -0.15 -8.21
CA VAL A 280 -33.23 0.77 -7.07
C VAL A 280 -34.68 1.03 -6.73
N ASN A 281 -35.03 0.83 -5.46
CA ASN A 281 -36.30 1.30 -4.94
C ASN A 281 -36.04 2.57 -4.11
N TYR A 282 -36.51 3.71 -4.64
CA TYR A 282 -36.44 4.99 -3.93
C TYR A 282 -37.66 5.09 -3.02
N HIS A 283 -37.44 4.93 -1.71
CA HIS A 283 -38.52 4.94 -0.71
C HIS A 283 -38.38 6.16 0.21
N ASP A 284 -39.23 6.23 1.24
CA ASP A 284 -39.41 7.44 2.03
C ASP A 284 -38.23 7.80 2.95
N SER A 285 -37.32 6.86 3.17
CA SER A 285 -36.16 7.09 4.04
C SER A 285 -34.80 6.83 3.38
N GLY A 286 -34.81 6.66 2.06
CA GLY A 286 -33.59 6.39 1.30
C GLY A 286 -33.83 5.53 0.08
N ALA A 287 -32.84 4.70 -0.24
CA ALA A 287 -32.88 3.86 -1.44
C ALA A 287 -32.39 2.47 -1.10
N THR A 288 -33.12 1.47 -1.62
CA THR A 288 -32.71 0.09 -1.58
C THR A 288 -32.08 -0.19 -2.93
N ILE A 289 -30.76 -0.47 -2.92
CA ILE A 289 -29.97 -0.63 -4.12
C ILE A 289 -29.57 -2.08 -4.25
N ARG A 290 -30.13 -2.76 -5.26
CA ARG A 290 -29.68 -4.10 -5.64
C ARG A 290 -28.62 -3.94 -6.70
N PHE A 291 -27.51 -4.66 -6.52
CA PHE A 291 -26.37 -4.54 -7.39
C PHE A 291 -25.70 -5.87 -7.64
N SER A 292 -25.06 -5.98 -8.82
N SER A 292 -25.05 -5.98 -8.81
CA SER A 292 -24.17 -7.08 -9.15
CA SER A 292 -24.17 -7.09 -9.15
C SER A 292 -22.78 -6.51 -9.37
C SER A 292 -22.78 -6.51 -9.36
N SER A 293 -21.76 -7.34 -9.18
CA SER A 293 -20.37 -6.94 -9.36
C SER A 293 -19.47 -8.14 -9.52
N SER A 294 -18.29 -7.92 -10.11
CA SER A 294 -17.27 -8.95 -10.25
C SER A 294 -16.78 -9.48 -8.89
N TRP A 295 -17.12 -8.78 -7.80
CA TRP A 295 -16.83 -9.21 -6.44
C TRP A 295 -17.95 -10.01 -5.77
N GLY A 296 -19.12 -10.07 -6.41
CA GLY A 296 -20.32 -10.65 -5.84
C GLY A 296 -21.47 -9.65 -5.87
N ASP A 297 -22.67 -10.16 -5.58
CA ASP A 297 -23.90 -9.39 -5.61
C ASP A 297 -24.41 -9.10 -4.20
N GLY A 298 -25.34 -8.15 -4.10
CA GLY A 298 -25.83 -7.73 -2.81
C GLY A 298 -26.96 -6.74 -2.87
N GLU A 299 -27.35 -6.26 -1.68
CA GLU A 299 -28.42 -5.31 -1.51
C GLU A 299 -28.02 -4.36 -0.39
N ILE A 300 -27.98 -3.07 -0.71
CA ILE A 300 -27.60 -2.01 0.22
C ILE A 300 -28.82 -1.14 0.52
N GLU A 301 -29.02 -0.84 1.81
CA GLU A 301 -29.97 0.16 2.28
C GLU A 301 -29.22 1.46 2.52
N SER A 302 -29.31 2.37 1.55
CA SER A 302 -28.73 3.70 1.65
C SER A 302 -29.75 4.62 2.29
N HIS A 303 -29.26 5.51 3.16
CA HIS A 303 -30.04 6.58 3.74
C HIS A 303 -29.76 7.93 3.07
N LEU A 304 -29.18 7.89 1.86
CA LEU A 304 -29.03 9.04 0.98
C LEU A 304 -30.17 9.09 -0.04
N MET A 305 -30.45 10.30 -0.54
CA MET A 305 -31.59 10.55 -1.41
C MET A 305 -31.18 10.93 -2.84
N GLY A 306 -31.92 10.39 -3.82
CA GLY A 306 -31.79 10.73 -5.22
C GLY A 306 -30.89 9.77 -5.98
N ALA A 307 -30.96 9.85 -7.31
CA ALA A 307 -30.22 8.97 -8.21
C ALA A 307 -28.73 9.26 -8.18
N PHE A 308 -28.37 10.56 -8.12
CA PHE A 308 -26.98 10.96 -8.09
C PHE A 308 -26.22 10.36 -6.91
N ASN A 309 -26.89 10.26 -5.74
CA ASN A 309 -26.29 9.68 -4.54
C ASN A 309 -26.21 8.16 -4.59
N VAL A 310 -27.03 7.52 -5.44
CA VAL A 310 -26.87 6.10 -5.73
C VAL A 310 -25.53 5.93 -6.46
N SER A 311 -25.33 6.72 -7.53
CA SER A 311 -24.09 6.73 -8.31
C SER A 311 -22.86 6.95 -7.41
N ASN A 312 -22.89 8.02 -6.62
CA ASN A 312 -21.82 8.35 -5.70
C ASN A 312 -21.48 7.20 -4.74
N LEU A 313 -22.53 6.58 -4.19
N LEU A 313 -22.53 6.58 -4.19
CA LEU A 313 -22.38 5.45 -3.28
CA LEU A 313 -22.38 5.45 -3.28
C LEU A 313 -21.74 4.25 -3.99
C LEU A 313 -21.74 4.25 -3.99
N LEU A 314 -22.23 3.93 -5.20
CA LEU A 314 -21.69 2.84 -6.01
C LEU A 314 -20.22 3.06 -6.39
N LEU A 315 -19.84 4.31 -6.65
CA LEU A 315 -18.46 4.64 -6.94
C LEU A 315 -17.56 4.35 -5.73
N ALA A 316 -18.00 4.81 -4.55
CA ALA A 316 -17.29 4.54 -3.31
C ALA A 316 -17.18 3.04 -3.03
N LEU A 317 -18.28 2.32 -3.23
CA LEU A 317 -18.31 0.86 -3.04
C LEU A 317 -17.29 0.16 -3.97
N ALA A 318 -17.35 0.50 -5.27
CA ALA A 318 -16.46 -0.07 -6.27
C ALA A 318 -15.00 0.19 -5.96
N THR A 319 -14.71 1.42 -5.50
CA THR A 319 -13.36 1.83 -5.10
C THR A 319 -12.83 1.00 -3.93
N LEU A 320 -13.64 0.86 -2.87
CA LEU A 320 -13.22 0.13 -1.67
C LEU A 320 -13.08 -1.37 -1.96
N LEU A 321 -13.96 -1.90 -2.81
CA LEU A 321 -13.84 -3.28 -3.25
C LEU A 321 -12.53 -3.49 -4.02
N ALA A 322 -12.24 -2.57 -4.96
CA ALA A 322 -11.01 -2.62 -5.76
C ALA A 322 -9.76 -2.60 -4.88
N LEU A 323 -9.81 -1.84 -3.77
CA LEU A 323 -8.74 -1.77 -2.81
C LEU A 323 -8.65 -2.96 -1.85
N GLY A 324 -9.62 -3.89 -1.94
CA GLY A 324 -9.57 -5.15 -1.22
C GLY A 324 -10.34 -5.21 0.09
N TYR A 325 -11.17 -4.20 0.38
CA TYR A 325 -12.08 -4.27 1.51
C TYR A 325 -13.14 -5.32 1.20
N PRO A 326 -13.40 -6.28 2.11
CA PRO A 326 -14.34 -7.38 1.81
C PRO A 326 -15.78 -6.90 1.63
N LEU A 327 -16.44 -7.44 0.60
CA LEU A 327 -17.82 -7.10 0.28
C LEU A 327 -18.73 -7.22 1.51
N ALA A 328 -18.61 -8.34 2.22
CA ALA A 328 -19.45 -8.62 3.39
C ALA A 328 -19.37 -7.51 4.43
N ASP A 329 -18.16 -7.02 4.69
CA ASP A 329 -17.94 -5.95 5.68
C ASP A 329 -18.48 -4.61 5.19
N LEU A 330 -18.38 -4.37 3.88
CA LEU A 330 -18.91 -3.16 3.26
C LEU A 330 -20.43 -3.16 3.35
N LEU A 331 -21.07 -4.27 2.98
CA LEU A 331 -22.52 -4.46 3.10
C LEU A 331 -23.03 -4.25 4.55
N LYS A 332 -22.29 -4.77 5.53
CA LYS A 332 -22.67 -4.68 6.94
C LYS A 332 -22.61 -3.26 7.51
N THR A 333 -21.84 -2.37 6.86
CA THR A 333 -21.64 -1.01 7.34
C THR A 333 -22.37 0.07 6.52
N ALA A 334 -22.90 -0.32 5.36
CA ALA A 334 -23.53 0.60 4.40
C ALA A 334 -24.67 1.47 4.98
N ALA A 335 -25.48 0.86 5.85
CA ALA A 335 -26.61 1.56 6.50
C ALA A 335 -26.17 2.70 7.43
N ARG A 336 -24.90 2.68 7.84
CA ARG A 336 -24.36 3.73 8.71
C ARG A 336 -23.78 4.94 7.96
N LEU A 337 -23.68 4.82 6.62
CA LEU A 337 -23.30 5.95 5.77
C LEU A 337 -24.38 7.03 5.87
N GLN A 338 -23.95 8.28 6.11
CA GLN A 338 -24.86 9.40 6.28
C GLN A 338 -24.66 10.43 5.18
N PRO A 339 -25.66 11.31 4.93
CA PRO A 339 -25.51 12.36 3.93
C PRO A 339 -24.54 13.40 4.42
N VAL A 340 -23.96 14.18 3.50
CA VAL A 340 -23.23 15.38 3.86
C VAL A 340 -24.29 16.29 4.47
N CYS A 341 -23.98 16.86 5.64
CA CYS A 341 -24.93 17.67 6.42
C CYS A 341 -25.63 18.69 5.52
N GLY A 342 -26.97 18.73 5.59
CA GLY A 342 -27.77 19.64 4.79
C GLY A 342 -27.66 19.49 3.28
N ARG A 343 -27.19 18.32 2.82
CA ARG A 343 -27.22 17.95 1.41
C ARG A 343 -28.16 16.76 1.25
N MET A 344 -29.36 17.04 0.74
CA MET A 344 -30.46 16.08 0.65
C MET A 344 -30.54 15.21 1.91
N GLU A 345 -30.51 15.86 3.07
CA GLU A 345 -30.56 15.18 4.35
C GLU A 345 -32.00 14.86 4.73
N VAL A 346 -32.30 13.55 4.85
CA VAL A 346 -33.65 13.08 5.10
C VAL A 346 -33.93 12.99 6.59
N PHE A 347 -35.14 13.42 6.96
CA PHE A 347 -35.64 13.29 8.32
C PHE A 347 -36.95 12.55 8.18
N THR A 348 -37.07 11.42 8.89
CA THR A 348 -38.27 10.62 8.90
C THR A 348 -38.67 10.35 10.33
N ALA A 349 -39.98 10.18 10.54
CA ALA A 349 -40.50 9.73 11.81
C ALA A 349 -41.76 8.90 11.50
N PRO A 350 -42.10 7.94 12.38
CA PRO A 350 -43.28 7.09 12.18
C PRO A 350 -44.54 7.89 11.85
N GLY A 351 -45.15 7.57 10.70
CA GLY A 351 -46.43 8.11 10.31
C GLY A 351 -46.45 9.59 10.02
N LYS A 352 -45.26 10.15 9.74
CA LYS A 352 -45.10 11.56 9.43
C LYS A 352 -44.63 11.70 7.99
N PRO A 353 -44.86 12.85 7.33
CA PRO A 353 -44.28 13.10 6.01
C PRO A 353 -42.77 13.03 6.12
N THR A 354 -42.14 12.58 5.04
CA THR A 354 -40.68 12.63 4.93
C THR A 354 -40.30 14.08 4.68
N VAL A 355 -39.29 14.57 5.40
CA VAL A 355 -38.78 15.92 5.20
C VAL A 355 -37.30 15.85 4.82
N VAL A 356 -36.95 16.57 3.75
CA VAL A 356 -35.58 16.66 3.28
C VAL A 356 -35.09 18.10 3.43
N VAL A 357 -33.94 18.28 4.09
CA VAL A 357 -33.28 19.57 4.20
C VAL A 357 -32.11 19.60 3.22
N ASP A 358 -32.12 20.58 2.32
CA ASP A 358 -31.06 20.74 1.34
C ASP A 358 -30.67 22.21 1.22
N TYR A 359 -29.39 22.45 0.95
CA TYR A 359 -28.81 23.80 0.86
C TYR A 359 -29.20 24.54 -0.42
N ALA A 360 -29.78 23.84 -1.40
CA ALA A 360 -30.12 24.40 -2.71
C ALA A 360 -30.66 25.82 -2.61
N HIS A 361 -29.92 26.77 -3.21
CA HIS A 361 -30.28 28.18 -3.19
C HIS A 361 -30.08 28.86 -4.55
N THR A 362 -29.99 28.06 -5.62
CA THR A 362 -29.97 28.52 -7.00
C THR A 362 -31.00 27.73 -7.78
N PRO A 363 -31.43 28.22 -8.97
CA PRO A 363 -32.44 27.52 -9.77
C PRO A 363 -32.08 26.09 -10.16
N ASP A 364 -30.83 25.86 -10.56
CA ASP A 364 -30.37 24.54 -10.97
C ASP A 364 -30.32 23.55 -9.80
N ALA A 365 -29.81 24.01 -8.65
CA ALA A 365 -29.72 23.18 -7.45
C ALA A 365 -31.11 22.83 -6.91
N LEU A 366 -32.03 23.79 -6.97
CA LEU A 366 -33.40 23.60 -6.53
C LEU A 366 -34.11 22.57 -7.41
N GLU A 367 -33.97 22.72 -8.73
CA GLU A 367 -34.52 21.76 -9.69
C GLU A 367 -34.00 20.34 -9.42
N LYS A 368 -32.68 20.22 -9.29
CA LYS A 368 -32.03 18.93 -8.99
C LYS A 368 -32.54 18.30 -7.70
N ALA A 369 -32.64 19.12 -6.64
CA ALA A 369 -33.11 18.67 -5.34
C ALA A 369 -34.55 18.15 -5.40
N LEU A 370 -35.43 18.90 -6.08
CA LEU A 370 -36.83 18.51 -6.25
C LEU A 370 -36.98 17.22 -7.07
N GLN A 371 -36.21 17.12 -8.16
CA GLN A 371 -36.17 15.92 -9.01
C GLN A 371 -35.74 14.68 -8.20
N ALA A 372 -34.71 14.87 -7.37
CA ALA A 372 -34.23 13.83 -6.48
C ALA A 372 -35.32 13.42 -5.47
N ALA A 373 -35.91 14.43 -4.80
CA ALA A 373 -36.97 14.22 -3.80
C ALA A 373 -38.19 13.50 -4.40
N ARG A 374 -38.55 13.89 -5.62
CA ARG A 374 -39.68 13.31 -6.34
C ARG A 374 -39.62 11.77 -6.40
N LEU A 375 -38.41 11.24 -6.63
CA LEU A 375 -38.17 9.79 -6.71
C LEU A 375 -38.64 9.04 -5.48
N HIS A 376 -38.51 9.66 -4.30
CA HIS A 376 -38.88 9.10 -3.01
C HIS A 376 -40.31 9.44 -2.55
N CYS A 377 -41.09 10.09 -3.42
CA CYS A 377 -42.35 10.72 -3.06
C CYS A 377 -43.52 10.01 -3.73
N ALA A 378 -44.25 9.20 -2.96
CA ALA A 378 -45.45 8.53 -3.43
C ALA A 378 -46.64 9.49 -3.53
N GLY A 379 -46.72 10.45 -2.59
CA GLY A 379 -47.80 11.41 -2.55
C GLY A 379 -47.47 12.71 -3.26
N LYS A 380 -47.63 13.82 -2.55
CA LYS A 380 -47.33 15.15 -3.06
C LYS A 380 -45.98 15.66 -2.55
N LEU A 381 -45.24 16.31 -3.46
CA LEU A 381 -43.97 16.98 -3.18
C LEU A 381 -44.23 18.44 -2.82
N TRP A 382 -43.83 18.81 -1.59
CA TRP A 382 -43.88 20.19 -1.10
C TRP A 382 -42.50 20.81 -1.17
N CYS A 383 -42.42 22.09 -1.55
CA CYS A 383 -41.17 22.84 -1.57
C CYS A 383 -41.28 24.12 -0.74
N VAL A 384 -40.54 24.19 0.37
CA VAL A 384 -40.47 25.37 1.23
C VAL A 384 -39.13 26.06 0.98
N PHE A 385 -39.19 27.32 0.56
CA PHE A 385 -37.99 28.06 0.23
C PHE A 385 -38.24 29.55 0.17
N GLY A 386 -37.14 30.31 0.16
CA GLY A 386 -37.12 31.72 -0.12
C GLY A 386 -35.82 32.05 -0.83
N CYS A 387 -35.51 33.35 -0.91
CA CYS A 387 -34.27 33.84 -1.48
C CYS A 387 -33.67 34.92 -0.59
N GLY A 388 -32.34 35.01 -0.60
CA GLY A 388 -31.62 35.96 0.22
C GLY A 388 -31.89 37.38 -0.22
N GLY A 389 -31.99 38.28 0.75
CA GLY A 389 -32.17 39.70 0.48
C GLY A 389 -30.82 40.37 0.26
N ASP A 390 -30.86 41.53 -0.41
CA ASP A 390 -29.68 42.36 -0.69
C ASP A 390 -28.62 41.65 -1.56
N ARG A 391 -29.06 40.65 -2.32
CA ARG A 391 -28.24 39.90 -3.27
C ARG A 391 -28.92 39.94 -4.63
N ASP A 392 -28.24 39.42 -5.66
CA ASP A 392 -28.75 39.37 -7.03
C ASP A 392 -30.19 38.83 -7.03
N LYS A 393 -31.08 39.58 -7.70
CA LYS A 393 -32.51 39.33 -7.68
C LYS A 393 -32.98 38.45 -8.83
N GLY A 394 -32.12 38.29 -9.84
CA GLY A 394 -32.44 37.54 -11.05
C GLY A 394 -32.86 36.10 -10.85
N LYS A 395 -32.31 35.43 -9.83
CA LYS A 395 -32.63 34.01 -9.58
C LYS A 395 -34.05 33.81 -9.04
N ARG A 396 -34.61 34.87 -8.43
CA ARG A 396 -35.88 34.80 -7.70
C ARG A 396 -37.04 34.26 -8.53
N PRO A 397 -37.40 34.89 -9.68
CA PRO A 397 -38.48 34.36 -10.52
C PRO A 397 -38.18 32.99 -11.12
N LEU A 398 -36.90 32.70 -11.37
CA LEU A 398 -36.45 31.41 -11.89
C LEU A 398 -36.65 30.29 -10.86
N MET A 399 -36.37 30.60 -9.59
CA MET A 399 -36.62 29.65 -8.50
C MET A 399 -38.12 29.45 -8.24
N GLY A 400 -38.91 30.52 -8.42
CA GLY A 400 -40.35 30.44 -8.38
C GLY A 400 -40.93 29.48 -9.42
N ALA A 401 -40.49 29.65 -10.67
CA ALA A 401 -40.95 28.81 -11.79
C ALA A 401 -40.61 27.35 -11.57
N ILE A 402 -39.38 27.10 -11.09
CA ILE A 402 -38.88 25.76 -10.78
C ILE A 402 -39.71 25.08 -9.68
N ALA A 403 -39.96 25.82 -8.59
CA ALA A 403 -40.77 25.31 -7.48
C ALA A 403 -42.17 24.95 -7.94
N GLU A 404 -42.75 25.81 -8.80
CA GLU A 404 -44.08 25.61 -9.37
C GLU A 404 -44.15 24.36 -10.24
N GLU A 405 -43.12 24.16 -11.08
CA GLU A 405 -43.12 23.06 -12.04
C GLU A 405 -42.77 21.70 -11.41
N PHE A 406 -41.71 21.68 -10.59
CA PHE A 406 -41.15 20.42 -10.09
C PHE A 406 -41.68 19.99 -8.73
N ALA A 407 -42.45 20.88 -8.07
CA ALA A 407 -43.19 20.54 -6.85
C ALA A 407 -44.69 20.61 -7.10
N ASP A 408 -45.46 19.97 -6.21
CA ASP A 408 -46.90 20.01 -6.22
C ASP A 408 -47.44 21.17 -5.39
N VAL A 409 -46.75 21.49 -4.29
CA VAL A 409 -47.08 22.63 -3.44
C VAL A 409 -45.82 23.46 -3.19
N ALA A 410 -45.87 24.73 -3.59
CA ALA A 410 -44.79 25.66 -3.36
C ALA A 410 -45.17 26.52 -2.17
N VAL A 411 -44.32 26.50 -1.13
CA VAL A 411 -44.52 27.31 0.06
C VAL A 411 -43.39 28.34 0.10
N VAL A 412 -43.70 29.57 -0.31
CA VAL A 412 -42.70 30.64 -0.40
C VAL A 412 -42.64 31.41 0.91
N THR A 413 -41.42 31.47 1.47
CA THR A 413 -41.19 32.09 2.76
C THR A 413 -39.90 32.91 2.72
N ASP A 414 -39.42 33.32 3.91
CA ASP A 414 -38.19 34.10 4.05
C ASP A 414 -36.96 33.21 4.14
N ASP A 415 -35.83 33.75 3.69
CA ASP A 415 -34.50 33.13 3.77
C ASP A 415 -33.43 34.23 3.79
N ASN A 416 -32.97 34.60 4.99
CA ASN A 416 -32.02 35.69 5.18
C ASN A 416 -32.43 36.91 4.38
N PRO A 417 -33.55 37.58 4.74
CA PRO A 417 -33.98 38.79 4.02
C PRO A 417 -33.04 40.00 4.24
N ARG A 418 -32.19 39.93 5.28
CA ARG A 418 -31.24 41.00 5.61
C ARG A 418 -31.97 42.33 5.82
N THR A 419 -31.61 43.37 5.07
CA THR A 419 -32.23 44.69 5.21
C THR A 419 -33.37 44.93 4.23
N GLU A 420 -33.52 44.02 3.25
CA GLU A 420 -34.54 44.13 2.22
C GLU A 420 -35.91 43.77 2.79
N GLU A 421 -36.97 44.42 2.26
CA GLU A 421 -38.33 44.17 2.67
C GLU A 421 -38.67 42.71 2.39
N PRO A 422 -38.92 41.87 3.41
CA PRO A 422 -39.10 40.43 3.19
C PRO A 422 -40.14 40.09 2.12
N ARG A 423 -41.30 40.76 2.15
CA ARG A 423 -42.39 40.53 1.20
C ARG A 423 -42.01 40.93 -0.24
N ALA A 424 -41.14 41.94 -0.39
CA ALA A 424 -40.66 42.33 -1.73
C ALA A 424 -39.93 41.17 -2.40
N ILE A 425 -39.12 40.45 -1.62
CA ILE A 425 -38.37 39.30 -2.13
C ILE A 425 -39.35 38.23 -2.61
N ILE A 426 -40.34 37.93 -1.76
CA ILE A 426 -41.38 36.96 -2.06
C ILE A 426 -42.15 37.31 -3.35
N ASN A 427 -42.48 38.59 -3.51
CA ASN A 427 -43.15 39.07 -4.73
C ASN A 427 -42.34 38.79 -6.00
N ASP A 428 -41.02 39.00 -5.92
CA ASP A 428 -40.08 38.69 -7.00
C ASP A 428 -40.08 37.22 -7.36
N ILE A 429 -40.20 36.36 -6.33
CA ILE A 429 -40.27 34.92 -6.53
C ILE A 429 -41.57 34.57 -7.24
N LEU A 430 -42.69 35.07 -6.71
CA LEU A 430 -44.03 34.80 -7.25
C LEU A 430 -44.19 35.27 -8.70
N ALA A 431 -43.54 36.39 -9.03
CA ALA A 431 -43.55 36.96 -10.39
C ALA A 431 -43.17 35.95 -11.46
N GLY A 432 -42.27 35.01 -11.12
CA GLY A 432 -41.82 33.99 -12.04
C GLY A 432 -42.78 32.85 -12.29
N MET A 433 -43.87 32.79 -11.51
CA MET A 433 -44.84 31.70 -11.58
C MET A 433 -45.97 31.99 -12.57
N LEU A 434 -46.42 30.93 -13.25
CA LEU A 434 -47.60 30.95 -14.11
C LEU A 434 -48.88 31.19 -13.30
N ASP A 435 -48.96 30.55 -12.12
CA ASP A 435 -50.12 30.62 -11.25
C ASP A 435 -49.68 30.85 -9.80
N ALA A 436 -49.28 32.09 -9.51
CA ALA A 436 -48.81 32.51 -8.19
C ALA A 436 -49.86 32.25 -7.10
N GLY A 437 -51.14 32.36 -7.47
CA GLY A 437 -52.26 32.11 -6.59
C GLY A 437 -52.31 30.71 -6.02
N HIS A 438 -51.68 29.76 -6.71
CA HIS A 438 -51.59 28.36 -6.30
C HIS A 438 -50.51 28.11 -5.25
N ALA A 439 -49.55 29.04 -5.15
CA ALA A 439 -48.49 28.98 -4.15
C ALA A 439 -49.01 29.43 -2.79
N LYS A 440 -48.45 28.86 -1.72
CA LYS A 440 -48.70 29.31 -0.37
C LYS A 440 -47.57 30.24 0.01
N VAL A 441 -47.93 31.38 0.60
CA VAL A 441 -46.97 32.31 1.13
C VAL A 441 -47.15 32.35 2.63
N MET A 442 -46.07 32.15 3.37
CA MET A 442 -46.09 32.28 4.81
C MET A 442 -44.77 32.82 5.29
N GLU A 443 -44.84 33.99 5.93
CA GLU A 443 -43.67 34.64 6.47
C GLU A 443 -43.51 34.28 7.93
N GLY A 444 -42.25 34.27 8.35
CA GLY A 444 -41.80 33.46 9.43
C GLY A 444 -41.46 32.16 8.74
N ARG A 445 -40.16 31.90 8.57
CA ARG A 445 -39.67 30.66 7.96
C ARG A 445 -40.11 29.45 8.76
N ALA A 446 -39.89 29.51 10.08
CA ALA A 446 -40.27 28.44 10.98
C ALA A 446 -41.76 28.08 10.83
N GLU A 447 -42.60 29.12 10.72
CA GLU A 447 -44.03 28.96 10.55
C GLU A 447 -44.36 28.30 9.21
N ALA A 448 -43.66 28.71 8.14
CA ALA A 448 -43.83 28.14 6.81
C ALA A 448 -43.45 26.67 6.77
N VAL A 449 -42.29 26.35 7.37
CA VAL A 449 -41.84 24.96 7.48
C VAL A 449 -42.90 24.15 8.22
N THR A 450 -43.36 24.70 9.35
CA THR A 450 -44.38 24.05 10.18
C THR A 450 -45.66 23.78 9.37
N CYS A 451 -46.08 24.79 8.61
CA CYS A 451 -47.27 24.69 7.77
C CYS A 451 -47.21 23.49 6.86
N ALA A 452 -46.11 23.37 6.10
CA ALA A 452 -45.89 22.28 5.18
C ALA A 452 -45.90 20.95 5.90
N VAL A 453 -45.10 20.85 6.97
CA VAL A 453 -44.89 19.59 7.68
C VAL A 453 -46.18 19.09 8.35
N MET A 454 -46.90 20.01 9.01
CA MET A 454 -48.13 19.66 9.71
C MET A 454 -49.28 19.33 8.77
N GLN A 455 -49.29 19.92 7.58
CA GLN A 455 -50.35 19.69 6.60
C GLN A 455 -50.10 18.51 5.66
N ALA A 456 -48.81 18.24 5.38
CA ALA A 456 -48.43 17.22 4.43
C ALA A 456 -48.86 15.83 4.93
N LYS A 457 -49.33 14.98 4.01
CA LYS A 457 -49.73 13.62 4.32
C LYS A 457 -48.54 12.72 4.61
N GLU A 458 -48.82 11.55 5.18
CA GLU A 458 -47.82 10.56 5.54
C GLU A 458 -46.91 10.16 4.37
N ASN A 459 -47.50 10.04 3.18
CA ASN A 459 -46.78 9.65 1.97
C ASN A 459 -46.28 10.81 1.11
N ASP A 460 -46.32 12.02 1.68
CA ASP A 460 -45.78 13.23 1.04
C ASP A 460 -44.32 13.38 1.43
N VAL A 461 -43.63 14.23 0.66
CA VAL A 461 -42.26 14.63 0.95
C VAL A 461 -42.24 16.16 0.95
N VAL A 462 -41.59 16.74 1.96
CA VAL A 462 -41.36 18.18 2.06
C VAL A 462 -39.88 18.47 1.92
N LEU A 463 -39.51 19.21 0.86
CA LEU A 463 -38.17 19.71 0.68
C LEU A 463 -38.11 21.10 1.33
N VAL A 464 -37.18 21.27 2.27
CA VAL A 464 -36.91 22.57 2.90
C VAL A 464 -35.56 22.99 2.36
N ALA A 465 -35.58 23.95 1.42
CA ALA A 465 -34.42 24.33 0.63
C ALA A 465 -33.87 25.69 1.00
N GLY A 466 -32.54 25.86 0.86
CA GLY A 466 -31.90 27.17 0.92
C GLY A 466 -30.82 27.34 1.95
N LYS A 467 -30.84 26.54 3.01
CA LYS A 467 -29.94 26.74 4.14
C LYS A 467 -29.02 25.56 4.39
N GLY A 468 -29.56 24.34 4.25
CA GLY A 468 -28.84 23.13 4.57
C GLY A 468 -28.41 23.17 6.02
N HIS A 469 -27.09 23.28 6.24
CA HIS A 469 -26.47 23.29 7.56
C HIS A 469 -26.34 24.70 8.19
N GLU A 470 -26.61 25.73 7.39
CA GLU A 470 -26.45 27.13 7.82
C GLU A 470 -27.47 27.49 8.89
N ASP A 471 -27.03 27.44 10.15
CA ASP A 471 -27.86 27.59 11.33
C ASP A 471 -28.11 29.05 11.80
N TYR A 472 -28.59 29.90 10.89
CA TYR A 472 -28.97 31.28 11.20
C TYR A 472 -29.96 31.82 10.18
N GLN A 473 -30.73 32.82 10.62
CA GLN A 473 -31.63 33.60 9.78
C GLN A 473 -31.22 35.07 9.92
N ILE A 474 -30.67 35.64 8.84
CA ILE A 474 -30.21 37.02 8.86
C ILE A 474 -31.40 37.93 8.55
N VAL A 475 -31.94 38.56 9.60
CA VAL A 475 -33.04 39.54 9.48
C VAL A 475 -32.52 40.87 10.01
N GLY A 476 -32.62 41.91 9.17
CA GLY A 476 -32.06 43.21 9.48
C GLY A 476 -30.54 43.08 9.52
N ASN A 477 -29.96 43.41 10.67
CA ASN A 477 -28.54 43.23 10.95
C ASN A 477 -28.27 42.12 11.98
N GLN A 478 -29.33 41.38 12.36
CA GLN A 478 -29.24 40.31 13.34
C GLN A 478 -29.04 38.96 12.64
N ARG A 479 -28.03 38.21 13.10
CA ARG A 479 -27.89 36.79 12.78
C ARG A 479 -28.59 36.00 13.88
N LEU A 480 -29.92 35.88 13.74
CA LEU A 480 -30.78 35.20 14.70
C LEU A 480 -30.53 33.69 14.64
N ASP A 481 -30.53 33.04 15.80
CA ASP A 481 -30.35 31.61 15.90
C ASP A 481 -31.58 30.89 15.38
N TYR A 482 -31.39 30.12 14.31
CA TYR A 482 -32.45 29.38 13.64
C TYR A 482 -31.80 28.27 12.84
N SER A 483 -32.46 27.12 12.78
CA SER A 483 -31.98 25.97 12.04
C SER A 483 -33.16 25.21 11.45
N ASP A 484 -33.15 25.05 10.12
CA ASP A 484 -34.10 24.21 9.40
C ASP A 484 -34.09 22.80 9.99
N ARG A 485 -32.90 22.26 10.24
CA ARG A 485 -32.73 20.89 10.71
C ARG A 485 -33.38 20.69 12.08
N VAL A 486 -33.13 21.65 12.99
CA VAL A 486 -33.66 21.61 14.34
C VAL A 486 -35.19 21.78 14.29
N THR A 487 -35.67 22.74 13.49
CA THR A 487 -37.09 23.02 13.35
C THR A 487 -37.82 21.75 12.87
N VAL A 488 -37.23 21.09 11.86
CA VAL A 488 -37.80 19.89 11.25
C VAL A 488 -37.82 18.74 12.24
N ALA A 489 -36.70 18.55 12.95
CA ALA A 489 -36.54 17.48 13.94
C ALA A 489 -37.62 17.58 15.01
N ARG A 490 -37.82 18.79 15.56
CA ARG A 490 -38.83 19.04 16.58
C ARG A 490 -40.24 18.76 16.08
N LEU A 491 -40.53 19.18 14.83
CA LEU A 491 -41.84 18.95 14.22
C LEU A 491 -42.13 17.46 14.02
N LEU A 492 -41.08 16.67 13.76
CA LEU A 492 -41.22 15.24 13.52
C LEU A 492 -41.11 14.42 14.79
N GLY A 493 -40.64 15.04 15.88
CA GLY A 493 -40.42 14.37 17.15
C GLY A 493 -39.17 13.53 17.15
N VAL A 494 -38.19 13.95 16.34
CA VAL A 494 -36.87 13.31 16.27
C VAL A 494 -35.78 14.30 16.67
N ILE A 495 -34.52 13.85 16.64
CA ILE A 495 -33.37 14.67 17.02
C ILE A 495 -32.49 14.92 15.79
N ALA A 496 -32.20 16.21 15.55
CA ALA A 496 -31.41 16.65 14.42
C ALA A 496 -30.00 16.06 14.50
N ARG B 5 -12.87 -11.62 17.98
CA ARG B 5 -12.97 -12.71 16.96
C ARG B 5 -14.28 -13.49 17.12
N ASN B 6 -15.14 -13.37 16.12
CA ASN B 6 -16.46 -13.98 16.11
C ASN B 6 -16.64 -14.92 14.91
N LEU B 7 -17.11 -16.15 15.17
CA LEU B 7 -17.37 -17.14 14.14
C LEU B 7 -18.22 -16.60 12.98
N ARG B 8 -19.24 -15.82 13.33
CA ARG B 8 -20.18 -15.25 12.37
C ARG B 8 -19.48 -14.29 11.40
N ASP B 9 -18.71 -13.34 11.95
CA ASP B 9 -17.92 -12.40 11.15
C ASP B 9 -16.79 -13.11 10.39
N LEU B 10 -16.14 -14.08 11.03
CA LEU B 10 -15.06 -14.84 10.42
C LEU B 10 -15.54 -15.43 9.08
N LEU B 11 -16.72 -16.03 9.08
CA LEU B 11 -17.25 -16.78 7.94
C LEU B 11 -18.16 -15.97 7.01
N ALA B 12 -18.44 -14.72 7.37
CA ALA B 12 -19.31 -13.83 6.61
C ALA B 12 -19.08 -13.84 5.10
N PRO B 13 -17.82 -13.76 4.60
CA PRO B 13 -17.56 -13.84 3.16
C PRO B 13 -17.99 -15.16 2.49
N TRP B 14 -18.10 -16.24 3.25
CA TRP B 14 -18.35 -17.59 2.72
C TRP B 14 -19.66 -18.25 3.19
N VAL B 15 -20.00 -18.09 4.48
CA VAL B 15 -21.19 -18.69 5.08
C VAL B 15 -22.02 -17.62 5.79
N PRO B 16 -23.12 -17.12 5.16
CA PRO B 16 -23.82 -15.95 5.68
C PRO B 16 -24.60 -16.17 7.00
N ASP B 17 -25.10 -17.38 7.21
CA ASP B 17 -25.99 -17.67 8.35
C ASP B 17 -25.28 -18.29 9.56
N ALA B 18 -23.95 -18.10 9.64
CA ALA B 18 -23.11 -18.73 10.66
C ALA B 18 -23.46 -18.26 12.07
N PRO B 19 -23.52 -19.16 13.07
CA PRO B 19 -23.78 -18.75 14.46
C PRO B 19 -22.75 -17.77 15.01
N SER B 20 -23.21 -16.90 15.93
CA SER B 20 -22.34 -15.94 16.60
C SER B 20 -21.69 -16.57 17.83
N ARG B 21 -20.36 -16.72 17.78
CA ARG B 21 -19.56 -17.28 18.87
C ARG B 21 -18.24 -16.53 18.99
N ALA B 22 -17.87 -16.17 20.21
CA ALA B 22 -16.55 -15.64 20.51
C ALA B 22 -15.54 -16.78 20.33
N LEU B 23 -14.40 -16.47 19.71
CA LEU B 23 -13.33 -17.44 19.46
C LEU B 23 -12.02 -16.92 20.04
N ARG B 24 -11.24 -17.82 20.65
CA ARG B 24 -9.94 -17.48 21.21
C ARG B 24 -8.84 -17.62 20.16
N GLU B 25 -8.35 -18.84 19.98
CA GLU B 25 -7.29 -19.14 19.02
C GLU B 25 -7.76 -20.14 17.98
N MET B 26 -7.05 -20.18 16.86
CA MET B 26 -7.32 -21.08 15.76
C MET B 26 -6.22 -22.12 15.77
N THR B 27 -6.59 -23.39 15.75
CA THR B 27 -5.62 -24.49 15.75
C THR B 27 -6.10 -25.69 14.95
N LEU B 28 -5.15 -26.39 14.32
CA LEU B 28 -5.37 -27.64 13.59
C LEU B 28 -5.09 -28.86 14.48
N ASP B 29 -4.50 -28.61 15.66
CA ASP B 29 -4.01 -29.66 16.54
C ASP B 29 -4.97 -29.83 17.71
N SER B 30 -5.73 -30.93 17.69
CA SER B 30 -6.72 -31.26 18.73
C SER B 30 -6.13 -31.39 20.13
N ARG B 31 -4.84 -31.74 20.23
CA ARG B 31 -4.13 -31.85 21.50
C ARG B 31 -4.04 -30.52 22.25
N VAL B 32 -3.74 -29.44 21.53
CA VAL B 32 -3.58 -28.11 22.12
C VAL B 32 -4.90 -27.32 22.16
N ALA B 33 -5.92 -27.83 21.46
CA ALA B 33 -7.23 -27.19 21.37
C ALA B 33 -7.88 -27.05 22.75
N ALA B 34 -7.93 -25.81 23.24
CA ALA B 34 -8.48 -25.48 24.56
C ALA B 34 -9.86 -24.84 24.46
N ALA B 35 -10.46 -24.59 25.64
CA ALA B 35 -11.77 -23.95 25.75
C ALA B 35 -11.79 -22.61 25.00
N GLY B 36 -12.85 -22.41 24.21
CA GLY B 36 -13.05 -21.18 23.44
C GLY B 36 -12.36 -21.10 22.09
N ASP B 37 -11.53 -22.10 21.77
CA ASP B 37 -10.79 -22.16 20.50
C ASP B 37 -11.66 -22.53 19.31
N LEU B 38 -11.18 -22.16 18.12
CA LEU B 38 -11.69 -22.66 16.85
C LEU B 38 -10.77 -23.78 16.43
N PHE B 39 -11.29 -25.01 16.45
CA PHE B 39 -10.58 -26.18 15.98
C PHE B 39 -10.88 -26.35 14.49
N VAL B 40 -9.82 -26.54 13.69
CA VAL B 40 -9.97 -26.73 12.25
C VAL B 40 -9.53 -28.13 11.90
N ALA B 41 -10.47 -28.93 11.38
CA ALA B 41 -10.26 -30.34 11.09
C ALA B 41 -10.01 -30.56 9.60
N VAL B 42 -8.75 -30.84 9.25
CA VAL B 42 -8.31 -30.94 7.86
C VAL B 42 -7.87 -32.37 7.51
N VAL B 43 -7.87 -32.68 6.20
CA VAL B 43 -7.42 -33.97 5.69
C VAL B 43 -6.12 -33.76 4.93
N GLY B 44 -5.10 -34.55 5.27
CA GLY B 44 -3.75 -34.42 4.73
C GLY B 44 -3.09 -35.75 4.46
N ALA B 47 -3.52 -38.77 7.58
CA ALA B 47 -4.13 -38.09 8.72
C ALA B 47 -5.41 -37.32 8.32
N ASP B 48 -6.47 -37.53 9.11
CA ASP B 48 -7.77 -36.88 8.93
C ASP B 48 -8.23 -36.30 10.26
N GLY B 49 -8.11 -34.97 10.40
CA GLY B 49 -8.44 -34.23 11.60
C GLY B 49 -9.87 -34.36 12.13
N ARG B 50 -10.81 -34.76 11.25
CA ARG B 50 -12.22 -34.96 11.64
C ARG B 50 -12.37 -36.10 12.67
N ARG B 51 -11.40 -37.03 12.64
CA ARG B 51 -11.27 -38.08 13.66
C ARG B 51 -11.35 -37.49 15.07
N TYR B 52 -10.64 -36.37 15.29
CA TYR B 52 -10.49 -35.77 16.61
C TYR B 52 -11.55 -34.70 16.95
N ILE B 53 -12.69 -34.71 16.23
CA ILE B 53 -13.79 -33.78 16.49
C ILE B 53 -14.37 -34.00 17.89
N PRO B 54 -14.68 -35.25 18.31
CA PRO B 54 -15.18 -35.50 19.66
C PRO B 54 -14.24 -35.07 20.80
N GLN B 55 -12.93 -35.34 20.65
CA GLN B 55 -11.91 -34.90 21.61
C GLN B 55 -11.91 -33.38 21.78
N ALA B 56 -11.88 -32.68 20.65
CA ALA B 56 -11.90 -31.22 20.61
C ALA B 56 -13.16 -30.66 21.28
N ILE B 57 -14.31 -31.26 20.96
CA ILE B 57 -15.58 -30.93 21.59
C ILE B 57 -15.50 -31.16 23.10
N ALA B 58 -14.99 -32.33 23.49
CA ALA B 58 -14.83 -32.71 24.90
C ALA B 58 -13.92 -31.72 25.66
N GLN B 59 -12.95 -31.14 24.95
CA GLN B 59 -12.02 -30.15 25.52
C GLN B 59 -12.56 -28.72 25.51
N GLY B 60 -13.81 -28.55 25.03
CA GLY B 60 -14.56 -27.31 25.14
C GLY B 60 -14.30 -26.25 24.09
N VAL B 61 -13.85 -26.67 22.90
CA VAL B 61 -13.67 -25.74 21.78
C VAL B 61 -15.00 -25.01 21.51
N ALA B 62 -14.90 -23.72 21.17
CA ALA B 62 -16.08 -22.89 20.87
C ALA B 62 -16.76 -23.28 19.55
N ALA B 63 -15.97 -23.72 18.58
CA ALA B 63 -16.49 -24.07 17.24
C ALA B 63 -15.47 -24.87 16.44
N ILE B 64 -15.96 -25.52 15.38
CA ILE B 64 -15.13 -26.34 14.51
C ILE B 64 -15.42 -26.01 13.04
N ILE B 65 -14.35 -25.97 12.23
CA ILE B 65 -14.46 -25.92 10.79
C ILE B 65 -13.80 -27.18 10.26
N ALA B 66 -14.50 -27.89 9.37
CA ALA B 66 -14.10 -29.24 8.93
C ALA B 66 -14.23 -29.42 7.44
N GLU B 67 -13.31 -30.23 6.87
CA GLU B 67 -13.34 -30.62 5.46
C GLU B 67 -14.69 -31.26 5.15
N ALA B 68 -15.39 -30.70 4.17
CA ALA B 68 -16.72 -31.15 3.76
C ALA B 68 -16.69 -32.45 2.95
N LYS B 69 -15.53 -32.79 2.39
CA LYS B 69 -15.37 -33.94 1.49
C LYS B 69 -15.94 -35.23 2.08
N ASP B 70 -16.95 -35.78 1.39
CA ASP B 70 -17.61 -37.05 1.71
C ASP B 70 -18.69 -36.97 2.79
N GLU B 71 -18.50 -36.08 3.77
CA GLU B 71 -19.35 -36.00 4.95
C GLU B 71 -20.43 -34.91 4.90
N ALA B 72 -20.28 -33.93 4.00
CA ALA B 72 -21.17 -32.76 3.96
C ALA B 72 -21.02 -31.93 2.70
N THR B 73 -21.93 -30.96 2.52
CA THR B 73 -21.87 -29.98 1.46
C THR B 73 -21.16 -28.71 1.94
N ASP B 74 -20.65 -27.92 0.99
CA ASP B 74 -19.97 -26.66 1.29
C ASP B 74 -20.93 -25.71 1.99
N GLY B 75 -20.45 -25.10 3.08
CA GLY B 75 -21.24 -24.15 3.86
C GLY B 75 -22.28 -24.79 4.77
N GLU B 76 -22.26 -26.12 4.89
CA GLU B 76 -23.21 -26.85 5.70
C GLU B 76 -22.89 -26.59 7.17
N ILE B 77 -23.87 -26.01 7.87
CA ILE B 77 -23.78 -25.73 9.30
C ILE B 77 -24.46 -26.85 10.08
N ARG B 78 -23.67 -27.59 10.86
CA ARG B 78 -24.17 -28.63 11.75
C ARG B 78 -23.86 -28.23 13.19
N GLU B 79 -24.37 -29.02 14.14
CA GLU B 79 -24.27 -28.73 15.56
C GLU B 79 -24.11 -30.05 16.33
N MET B 80 -23.01 -30.18 17.05
CA MET B 80 -22.68 -31.38 17.81
C MET B 80 -22.36 -30.98 19.25
N HIS B 81 -23.16 -31.49 20.21
CA HIS B 81 -23.07 -31.13 21.62
C HIS B 81 -23.19 -29.61 21.77
N GLY B 82 -22.15 -28.93 22.28
CA GLY B 82 -22.14 -27.49 22.41
C GLY B 82 -21.80 -26.72 21.13
N VAL B 83 -21.06 -27.38 20.22
CA VAL B 83 -20.29 -26.67 19.20
C VAL B 83 -20.95 -26.64 17.83
N PRO B 84 -20.99 -25.46 17.15
CA PRO B 84 -21.18 -25.42 15.70
C PRO B 84 -20.05 -26.15 14.97
N VAL B 85 -20.41 -26.99 14.01
CA VAL B 85 -19.47 -27.65 13.11
C VAL B 85 -19.87 -27.22 11.71
N ILE B 86 -19.04 -26.35 11.12
CA ILE B 86 -19.26 -25.80 9.78
C ILE B 86 -18.31 -26.48 8.81
N TYR B 87 -18.89 -27.07 7.75
CA TYR B 87 -18.15 -27.83 6.76
C TYR B 87 -17.87 -26.98 5.54
N LEU B 88 -16.62 -27.02 5.07
CA LEU B 88 -16.17 -26.27 3.91
C LEU B 88 -15.45 -27.22 2.96
N SER B 89 -15.78 -27.12 1.68
N SER B 89 -15.78 -27.13 1.67
CA SER B 89 -15.10 -27.89 0.63
C SER B 89 -13.74 -27.25 0.37
N GLN B 90 -12.77 -28.08 -0.02
CA GLN B 90 -11.40 -27.65 -0.33
C GLN B 90 -10.79 -26.78 0.77
N LEU B 91 -10.96 -27.24 2.03
CA LEU B 91 -10.56 -26.50 3.22
C LEU B 91 -9.06 -26.20 3.27
N ASN B 92 -8.23 -27.15 2.79
CA ASN B 92 -6.79 -26.96 2.70
C ASN B 92 -6.42 -25.76 1.81
N GLU B 93 -7.18 -25.59 0.72
CA GLU B 93 -7.00 -24.48 -0.21
C GLU B 93 -7.39 -23.13 0.41
N ARG B 94 -8.35 -23.16 1.34
CA ARG B 94 -8.97 -21.96 1.89
C ARG B 94 -8.50 -21.59 3.29
N LEU B 95 -7.64 -22.43 3.87
CA LEU B 95 -7.15 -22.27 5.22
C LEU B 95 -6.38 -20.95 5.38
N SER B 96 -5.56 -20.60 4.38
CA SER B 96 -4.81 -19.36 4.41
C SER B 96 -5.76 -18.14 4.48
N ALA B 97 -6.81 -18.15 3.67
CA ALA B 97 -7.81 -17.07 3.65
C ALA B 97 -8.56 -17.00 4.97
N LEU B 98 -8.98 -18.17 5.46
CA LEU B 98 -9.68 -18.29 6.73
C LEU B 98 -8.85 -17.67 7.86
N ALA B 99 -7.59 -18.12 7.97
CA ALA B 99 -6.65 -17.64 8.99
C ALA B 99 -6.31 -16.17 8.82
N GLY B 100 -6.11 -15.73 7.56
CA GLY B 100 -5.89 -14.33 7.25
C GLY B 100 -6.96 -13.42 7.85
N ARG B 101 -8.22 -13.80 7.64
CA ARG B 101 -9.36 -13.07 8.16
C ARG B 101 -9.40 -13.12 9.70
N PHE B 102 -9.19 -14.32 10.25
CA PHE B 102 -9.13 -14.52 11.70
C PHE B 102 -8.10 -13.59 12.38
N TYR B 103 -6.92 -13.47 11.75
CA TYR B 103 -5.82 -12.69 12.32
C TYR B 103 -5.72 -11.25 11.80
N HIS B 104 -6.84 -10.73 11.28
CA HIS B 104 -6.98 -9.34 10.85
C HIS B 104 -6.05 -8.95 9.69
N GLU B 105 -5.91 -9.87 8.72
CA GLU B 105 -5.22 -9.62 7.45
C GLU B 105 -3.85 -8.97 7.61
N PRO B 106 -2.90 -9.62 8.32
CA PRO B 106 -1.60 -9.02 8.60
C PRO B 106 -0.80 -8.62 7.34
N SER B 107 -0.97 -9.36 6.24
CA SER B 107 -0.25 -9.02 5.00
C SER B 107 -0.77 -7.72 4.33
N ASP B 108 -1.96 -7.26 4.75
CA ASP B 108 -2.50 -5.96 4.33
C ASP B 108 -2.07 -4.84 5.27
N ASN B 109 -1.35 -5.18 6.34
CA ASN B 109 -0.93 -4.22 7.36
C ASN B 109 0.58 -4.10 7.52
N LEU B 110 1.31 -4.66 6.55
CA LEU B 110 2.74 -4.40 6.37
C LEU B 110 3.06 -4.72 4.91
N ARG B 111 4.26 -4.32 4.47
CA ARG B 111 4.77 -4.64 3.13
C ARG B 111 5.45 -5.99 3.19
N LEU B 112 4.82 -6.99 2.55
CA LEU B 112 5.31 -8.37 2.54
C LEU B 112 5.97 -8.65 1.20
N VAL B 113 7.24 -9.05 1.26
CA VAL B 113 7.97 -9.50 0.08
C VAL B 113 8.29 -10.99 0.22
N GLY B 114 7.88 -11.76 -0.78
CA GLY B 114 8.15 -13.18 -0.86
C GLY B 114 9.35 -13.46 -1.73
N VAL B 115 10.19 -14.40 -1.28
CA VAL B 115 11.38 -14.79 -2.02
C VAL B 115 11.34 -16.31 -2.20
N THR B 116 11.42 -16.75 -3.46
N THR B 116 11.44 -16.75 -3.46
CA THR B 116 11.35 -18.15 -3.82
CA THR B 116 11.32 -18.15 -3.86
C THR B 116 12.52 -18.51 -4.74
C THR B 116 12.51 -18.51 -4.75
N GLY B 117 12.89 -19.78 -4.74
CA GLY B 117 14.00 -20.30 -5.54
C GLY B 117 14.82 -21.26 -4.72
N THR B 118 15.79 -21.90 -5.35
CA THR B 118 16.59 -22.95 -4.71
C THR B 118 17.73 -22.33 -3.91
N ASN B 119 18.44 -21.38 -4.54
CA ASN B 119 19.59 -20.70 -3.95
C ASN B 119 19.26 -19.25 -3.63
N GLY B 120 20.00 -18.69 -2.65
CA GLY B 120 19.98 -17.28 -2.33
C GLY B 120 18.70 -16.75 -1.69
N LYS B 121 17.81 -17.65 -1.27
CA LYS B 121 16.55 -17.28 -0.63
C LYS B 121 16.81 -16.59 0.68
N THR B 122 17.64 -17.23 1.52
CA THR B 122 17.91 -16.74 2.86
C THR B 122 18.62 -15.40 2.82
N THR B 123 19.64 -15.30 1.96
CA THR B 123 20.43 -14.08 1.82
C THR B 123 19.59 -12.93 1.28
N THR B 124 18.83 -13.19 0.22
CA THR B 124 18.03 -12.15 -0.42
C THR B 124 16.96 -11.63 0.55
N THR B 125 16.33 -12.56 1.27
N THR B 125 16.31 -12.53 1.30
CA THR B 125 15.41 -12.26 2.35
CA THR B 125 15.37 -12.11 2.34
C THR B 125 16.01 -11.32 3.40
C THR B 125 16.05 -11.24 3.38
N GLN B 126 17.23 -11.66 3.86
CA GLN B 126 17.93 -10.87 4.88
C GLN B 126 18.31 -9.49 4.36
N LEU B 127 18.76 -9.43 3.09
CA LEU B 127 19.12 -8.16 2.48
C LEU B 127 17.91 -7.24 2.35
N LEU B 128 16.77 -7.81 1.97
CA LEU B 128 15.52 -7.05 1.84
C LEU B 128 15.15 -6.43 3.19
N ALA B 129 15.17 -7.28 4.24
CA ALA B 129 14.84 -6.85 5.58
C ALA B 129 15.81 -5.78 6.11
N GLN B 130 17.11 -6.00 5.92
CA GLN B 130 18.17 -5.07 6.32
C GLN B 130 18.06 -3.73 5.62
N TRP B 131 17.91 -3.77 4.29
CA TRP B 131 17.93 -2.57 3.47
C TRP B 131 16.70 -1.69 3.74
N SER B 132 15.52 -2.33 3.78
CA SER B 132 14.28 -1.66 4.12
C SER B 132 14.37 -0.99 5.49
N GLN B 133 14.99 -1.67 6.46
CA GLN B 133 15.12 -1.12 7.81
C GLN B 133 16.05 0.10 7.85
N LEU B 134 17.16 0.03 7.10
CA LEU B 134 18.05 1.16 6.89
C LEU B 134 17.33 2.37 6.30
N LEU B 135 16.28 2.12 5.52
CA LEU B 135 15.47 3.18 4.92
C LEU B 135 14.32 3.61 5.83
N GLY B 136 14.23 3.03 7.03
CA GLY B 136 13.30 3.49 8.05
C GLY B 136 12.14 2.57 8.43
N GLU B 137 12.03 1.41 7.79
CA GLU B 137 11.02 0.43 8.15
C GLU B 137 11.43 -0.25 9.46
N ILE B 138 10.46 -0.90 10.11
CA ILE B 138 10.75 -1.87 11.17
C ILE B 138 10.56 -3.23 10.52
N SER B 139 11.68 -3.85 10.16
CA SER B 139 11.67 -5.02 9.29
C SER B 139 11.75 -6.33 10.05
N ALA B 140 11.21 -7.38 9.43
CA ALA B 140 11.15 -8.72 10.00
C ALA B 140 11.45 -9.73 8.91
N VAL B 141 11.82 -10.94 9.33
CA VAL B 141 12.02 -12.04 8.43
C VAL B 141 11.21 -13.24 8.88
N MET B 142 10.76 -14.03 7.90
CA MET B 142 10.16 -15.32 8.12
C MET B 142 10.80 -16.30 7.15
N GLY B 143 11.13 -17.48 7.63
CA GLY B 143 11.84 -18.48 6.84
C GLY B 143 12.43 -19.61 7.66
N THR B 144 13.56 -20.13 7.17
CA THR B 144 14.18 -21.36 7.67
C THR B 144 15.10 -21.11 8.87
N VAL B 145 15.78 -19.96 8.87
CA VAL B 145 16.57 -19.50 10.02
C VAL B 145 15.65 -19.12 11.19
N GLY B 146 14.40 -18.76 10.87
CA GLY B 146 13.34 -18.53 11.84
C GLY B 146 12.47 -17.33 11.48
N ASN B 147 11.57 -16.98 12.40
CA ASN B 147 10.71 -15.81 12.29
C ASN B 147 11.03 -14.82 13.39
N GLY B 148 10.96 -13.53 13.07
CA GLY B 148 11.10 -12.47 14.06
C GLY B 148 11.52 -11.15 13.46
N LEU B 149 11.46 -10.09 14.28
CA LEU B 149 12.01 -8.79 13.91
C LEU B 149 13.49 -8.96 13.65
N LEU B 150 14.05 -8.07 12.83
CA LEU B 150 15.45 -8.12 12.45
C LEU B 150 16.33 -8.09 13.70
N GLY B 151 17.22 -9.09 13.82
CA GLY B 151 18.11 -9.24 14.96
C GLY B 151 17.53 -10.02 16.14
N LYS B 152 16.25 -10.38 16.06
CA LYS B 152 15.52 -11.06 17.13
C LYS B 152 14.72 -12.24 16.56
N VAL B 153 15.37 -13.03 15.71
CA VAL B 153 14.74 -14.15 15.02
C VAL B 153 14.69 -15.37 15.94
N ILE B 154 13.47 -15.89 16.16
CA ILE B 154 13.23 -17.07 16.99
C ILE B 154 13.30 -18.31 16.10
N PRO B 155 14.25 -19.25 16.34
CA PRO B 155 14.40 -20.43 15.48
C PRO B 155 13.12 -21.24 15.25
N GLY B 161 4.95 -25.73 9.82
CA GLY B 161 4.39 -24.40 9.64
C GLY B 161 3.26 -24.46 8.62
N SER B 162 2.03 -24.57 9.12
CA SER B 162 0.84 -24.62 8.29
C SER B 162 0.43 -23.23 7.83
N ALA B 163 -0.63 -23.17 7.00
CA ALA B 163 -1.20 -21.92 6.53
C ALA B 163 -1.70 -21.05 7.68
N VAL B 164 -2.16 -21.69 8.77
CA VAL B 164 -2.61 -20.98 9.96
C VAL B 164 -1.44 -20.35 10.71
N ASP B 165 -0.37 -21.14 10.93
CA ASP B 165 0.86 -20.69 11.58
C ASP B 165 1.49 -19.50 10.87
N VAL B 166 1.51 -19.57 9.54
CA VAL B 166 2.05 -18.48 8.72
C VAL B 166 1.32 -17.18 9.01
N GLN B 167 -0.02 -17.22 9.00
CA GLN B 167 -0.83 -16.02 9.23
C GLN B 167 -0.68 -15.55 10.67
N HIS B 168 -0.69 -16.50 11.61
CA HIS B 168 -0.53 -16.26 13.03
C HIS B 168 0.79 -15.52 13.31
N GLU B 169 1.89 -16.07 12.80
CA GLU B 169 3.23 -15.51 13.01
C GLU B 169 3.36 -14.13 12.38
N LEU B 170 2.76 -13.94 11.19
CA LEU B 170 2.77 -12.64 10.51
C LEU B 170 1.99 -11.60 11.34
N ALA B 171 0.87 -12.03 11.92
CA ALA B 171 0.08 -11.16 12.83
C ALA B 171 0.90 -10.82 14.08
N GLY B 172 1.66 -11.80 14.59
CA GLY B 172 2.59 -11.58 15.70
C GLY B 172 3.59 -10.47 15.41
N LEU B 173 4.17 -10.50 14.21
CA LEU B 173 5.10 -9.47 13.76
C LEU B 173 4.41 -8.12 13.60
N VAL B 174 3.17 -8.13 13.08
CA VAL B 174 2.39 -6.90 12.97
C VAL B 174 2.21 -6.28 14.36
N ASP B 175 1.85 -7.11 15.34
CA ASP B 175 1.66 -6.68 16.72
C ASP B 175 2.90 -6.07 17.33
N GLN B 176 4.07 -6.61 16.97
CA GLN B 176 5.38 -6.13 17.43
C GLN B 176 5.86 -4.85 16.74
N GLY B 177 5.09 -4.33 15.78
CA GLY B 177 5.36 -3.06 15.12
C GLY B 177 6.02 -3.15 13.74
N ALA B 178 6.18 -4.38 13.23
CA ALA B 178 6.79 -4.60 11.93
C ALA B 178 5.97 -3.91 10.82
N THR B 179 6.67 -3.18 9.96
CA THR B 179 6.09 -2.53 8.78
C THR B 179 6.54 -3.20 7.47
N PHE B 180 7.50 -4.12 7.57
CA PHE B 180 8.09 -4.79 6.42
C PHE B 180 8.49 -6.20 6.82
N CYS B 181 8.15 -7.17 5.98
CA CYS B 181 8.55 -8.55 6.21
C CYS B 181 9.02 -9.19 4.93
N ALA B 182 10.24 -9.74 4.97
CA ALA B 182 10.81 -10.52 3.90
C ALA B 182 10.62 -11.98 4.29
N MET B 183 9.89 -12.73 3.45
CA MET B 183 9.50 -14.10 3.72
C MET B 183 10.05 -15.07 2.67
N GLU B 184 10.78 -16.08 3.15
CA GLU B 184 11.17 -17.21 2.31
C GLU B 184 9.94 -18.06 2.06
N VAL B 185 9.64 -18.32 0.78
CA VAL B 185 8.56 -19.21 0.39
C VAL B 185 9.14 -20.46 -0.27
N SER B 186 9.04 -21.60 0.41
CA SER B 186 9.50 -22.89 -0.10
C SER B 186 8.59 -23.37 -1.22
N SER B 187 9.18 -24.13 -2.15
CA SER B 187 8.43 -24.78 -3.23
C SER B 187 7.26 -25.59 -2.66
N HIS B 188 7.55 -26.34 -1.58
CA HIS B 188 6.57 -27.17 -0.92
C HIS B 188 5.45 -26.36 -0.27
N GLY B 189 5.83 -25.26 0.39
CA GLY B 189 4.89 -24.34 1.00
C GLY B 189 3.86 -23.78 0.02
N LEU B 190 4.33 -23.37 -1.17
CA LEU B 190 3.46 -22.84 -2.20
C LEU B 190 2.45 -23.90 -2.67
N VAL B 191 2.96 -25.09 -2.98
CA VAL B 191 2.12 -26.20 -3.46
C VAL B 191 1.05 -26.60 -2.43
N GLN B 192 1.41 -26.57 -1.14
CA GLN B 192 0.48 -26.92 -0.06
C GLN B 192 -0.41 -25.75 0.39
N HIS B 193 -0.43 -24.67 -0.39
CA HIS B 193 -1.31 -23.52 -0.19
C HIS B 193 -1.09 -22.80 1.14
N ARG B 194 0.16 -22.82 1.61
CA ARG B 194 0.53 -22.23 2.90
C ARG B 194 0.66 -20.72 2.87
N VAL B 195 0.76 -20.14 1.67
CA VAL B 195 0.78 -18.68 1.51
C VAL B 195 -0.31 -18.21 0.55
N ALA B 196 -1.32 -19.06 0.35
CA ALA B 196 -2.34 -18.85 -0.68
C ALA B 196 -3.07 -17.48 -0.62
N ALA B 197 -3.37 -16.98 0.59
CA ALA B 197 -4.12 -15.73 0.73
C ALA B 197 -3.30 -14.51 1.11
N LEU B 198 -1.97 -14.64 1.12
CA LEU B 198 -1.09 -13.56 1.49
C LEU B 198 -1.00 -12.55 0.36
N LYS B 199 -1.15 -11.26 0.71
CA LYS B 199 -0.95 -10.18 -0.23
C LYS B 199 0.52 -9.81 -0.27
N PHE B 200 1.25 -10.43 -1.19
CA PHE B 200 2.64 -10.08 -1.45
C PHE B 200 2.69 -8.77 -2.23
N ALA B 201 3.44 -7.81 -1.69
CA ALA B 201 3.76 -6.56 -2.37
C ALA B 201 4.70 -6.85 -3.53
N ALA B 202 5.62 -7.81 -3.31
CA ALA B 202 6.50 -8.26 -4.36
C ALA B 202 6.84 -9.73 -4.18
N SER B 203 7.12 -10.39 -5.30
CA SER B 203 7.60 -11.78 -5.32
C SER B 203 8.91 -11.81 -6.11
N VAL B 204 9.97 -12.30 -5.44
CA VAL B 204 11.32 -12.34 -5.97
C VAL B 204 11.68 -13.79 -6.30
N PHE B 205 12.15 -14.01 -7.52
CA PHE B 205 12.54 -15.34 -8.00
C PHE B 205 14.04 -15.36 -8.25
N THR B 206 14.79 -15.95 -7.31
CA THR B 206 16.24 -16.04 -7.40
C THR B 206 16.61 -16.99 -8.53
N ASN B 207 15.76 -18.01 -8.71
CA ASN B 207 15.78 -18.91 -9.86
C ASN B 207 14.47 -19.68 -9.97
N LEU B 208 14.13 -20.13 -11.19
CA LEU B 208 12.96 -21.00 -11.44
C LEU B 208 13.34 -22.39 -11.98
N SER B 209 14.60 -22.59 -12.36
CA SER B 209 15.11 -23.86 -12.88
C SER B 209 15.09 -24.94 -11.80
N ASP B 218 7.89 -33.59 -18.60
CA ASP B 218 8.02 -33.32 -17.17
C ASP B 218 8.21 -31.82 -16.92
N MET B 219 9.14 -31.21 -17.66
CA MET B 219 9.39 -29.77 -17.61
C MET B 219 8.11 -28.99 -17.89
N GLU B 220 7.40 -29.39 -18.96
CA GLU B 220 6.10 -28.82 -19.34
C GLU B 220 5.07 -28.84 -18.20
N HIS B 221 4.93 -30.00 -17.55
CA HIS B 221 3.97 -30.16 -16.45
C HIS B 221 4.38 -29.34 -15.23
N TYR B 222 5.68 -29.38 -14.91
CA TYR B 222 6.23 -28.62 -13.80
C TYR B 222 5.94 -27.12 -13.96
N GLU B 223 6.31 -26.56 -15.10
CA GLU B 223 6.06 -25.15 -15.39
C GLU B 223 4.57 -24.79 -15.32
N ALA B 224 3.73 -25.68 -15.86
CA ALA B 224 2.28 -25.49 -15.90
C ALA B 224 1.70 -25.50 -14.49
N ALA B 225 2.18 -26.45 -13.68
CA ALA B 225 1.79 -26.54 -12.28
C ALA B 225 2.12 -25.23 -11.55
N LYS B 226 3.34 -24.72 -11.73
CA LYS B 226 3.79 -23.49 -11.06
C LYS B 226 3.03 -22.25 -11.56
N TRP B 227 2.92 -22.12 -12.88
CA TRP B 227 2.27 -20.97 -13.50
C TRP B 227 0.82 -20.88 -13.00
N LEU B 228 0.15 -22.04 -12.95
CA LEU B 228 -1.21 -22.15 -12.42
C LEU B 228 -1.29 -21.58 -10.99
N LEU B 229 -0.40 -22.08 -10.12
CA LEU B 229 -0.32 -21.63 -8.73
C LEU B 229 -0.16 -20.13 -8.62
N TYR B 230 0.79 -19.57 -9.38
CA TYR B 230 1.05 -18.12 -9.33
C TYR B 230 -0.13 -17.29 -9.83
N SER B 231 -0.90 -17.85 -10.77
CA SER B 231 -2.13 -17.21 -11.25
C SER B 231 -3.20 -17.08 -10.17
N GLU B 232 -3.13 -17.95 -9.16
CA GLU B 232 -4.07 -17.99 -8.04
C GLU B 232 -3.65 -17.12 -6.86
N HIS B 233 -2.36 -16.75 -6.80
CA HIS B 233 -1.79 -15.97 -5.71
C HIS B 233 -1.73 -14.49 -6.04
N HIS B 234 -1.70 -13.67 -4.99
CA HIS B 234 -1.46 -12.24 -5.10
C HIS B 234 0.05 -12.02 -4.96
N CYS B 235 0.75 -12.04 -6.10
CA CYS B 235 2.21 -12.00 -6.16
C CYS B 235 2.79 -10.59 -6.09
N GLY B 236 1.97 -9.59 -6.44
CA GLY B 236 2.38 -8.20 -6.50
C GLY B 236 3.39 -8.05 -7.62
N GLN B 237 4.39 -7.19 -7.41
CA GLN B 237 5.44 -7.01 -8.40
C GLN B 237 6.41 -8.18 -8.44
N ALA B 238 6.62 -8.73 -9.64
CA ALA B 238 7.48 -9.87 -9.87
C ALA B 238 8.86 -9.35 -10.22
N ILE B 239 9.86 -9.82 -9.46
CA ILE B 239 11.25 -9.50 -9.67
C ILE B 239 11.93 -10.83 -9.95
N ILE B 240 12.46 -10.97 -11.17
CA ILE B 240 12.94 -12.25 -11.68
C ILE B 240 14.39 -12.18 -12.12
N ASN B 241 15.18 -13.15 -11.62
CA ASN B 241 16.57 -13.32 -12.04
C ASN B 241 16.63 -13.82 -13.47
N ALA B 242 17.08 -12.96 -14.39
CA ALA B 242 17.16 -13.28 -15.81
C ALA B 242 18.39 -14.11 -16.21
N ASP B 243 19.29 -14.36 -15.26
CA ASP B 243 20.44 -15.23 -15.47
C ASP B 243 20.07 -16.71 -15.34
N ASP B 244 18.83 -16.97 -14.89
CA ASP B 244 18.22 -18.29 -14.87
C ASP B 244 17.47 -18.52 -16.19
N GLU B 245 17.60 -19.73 -16.74
CA GLU B 245 17.02 -20.09 -18.04
C GLU B 245 15.50 -19.99 -18.02
N VAL B 246 14.88 -20.56 -16.99
CA VAL B 246 13.42 -20.53 -16.85
C VAL B 246 12.95 -19.10 -16.56
N GLY B 247 13.67 -18.41 -15.67
CA GLY B 247 13.50 -16.99 -15.43
C GLY B 247 13.31 -16.15 -16.70
N ARG B 248 14.24 -16.29 -17.66
CA ARG B 248 14.18 -15.55 -18.93
C ARG B 248 12.90 -15.84 -19.70
N ARG B 249 12.55 -17.13 -19.80
CA ARG B 249 11.35 -17.54 -20.55
C ARG B 249 10.10 -16.96 -19.92
N TRP B 250 10.03 -16.99 -18.59
CA TRP B 250 8.92 -16.41 -17.86
C TRP B 250 8.86 -14.88 -18.04
N LEU B 251 10.02 -14.21 -17.94
CA LEU B 251 10.11 -12.77 -18.17
C LEU B 251 9.53 -12.36 -19.53
N ALA B 252 9.77 -13.17 -20.56
CA ALA B 252 9.22 -12.92 -21.90
C ALA B 252 7.68 -12.90 -21.93
N LYS B 253 7.05 -13.56 -20.95
CA LYS B 253 5.61 -13.64 -20.83
C LYS B 253 4.99 -12.69 -19.79
N LEU B 254 5.86 -11.97 -19.05
CA LEU B 254 5.48 -11.12 -17.94
C LEU B 254 5.98 -9.69 -18.17
N PRO B 255 5.27 -8.88 -19.00
CA PRO B 255 5.77 -7.55 -19.36
C PRO B 255 5.89 -6.54 -18.21
N ASP B 256 5.21 -6.80 -17.07
CA ASP B 256 5.28 -5.96 -15.87
C ASP B 256 6.36 -6.40 -14.86
N ALA B 257 6.97 -7.56 -15.10
CA ALA B 257 8.01 -8.09 -14.22
C ALA B 257 9.31 -7.33 -14.44
N VAL B 258 10.12 -7.23 -13.38
CA VAL B 258 11.44 -6.61 -13.45
C VAL B 258 12.50 -7.70 -13.72
N ALA B 259 13.29 -7.49 -14.78
CA ALA B 259 14.38 -8.38 -15.17
C ALA B 259 15.67 -7.91 -14.49
N VAL B 260 16.37 -8.84 -13.84
CA VAL B 260 17.61 -8.56 -13.13
C VAL B 260 18.70 -9.52 -13.64
N SER B 261 19.85 -8.95 -14.03
CA SER B 261 20.98 -9.71 -14.58
C SER B 261 22.32 -9.14 -14.14
N MET B 262 23.31 -10.02 -14.00
CA MET B 262 24.71 -9.62 -13.94
C MET B 262 25.53 -10.35 -15.00
N GLU B 263 24.86 -11.01 -15.96
CA GLU B 263 25.49 -11.76 -17.04
C GLU B 263 24.97 -11.37 -18.43
N ASP B 264 24.53 -10.13 -18.58
CA ASP B 264 24.08 -9.56 -19.86
C ASP B 264 22.86 -10.26 -20.49
N HIS B 265 21.85 -10.58 -19.65
CA HIS B 265 20.63 -11.22 -20.12
C HIS B 265 19.39 -10.29 -20.15
N ILE B 266 19.61 -8.98 -19.94
CA ILE B 266 18.56 -7.97 -20.14
C ILE B 266 18.42 -7.77 -21.66
N ASN B 267 17.19 -7.88 -22.17
CA ASN B 267 16.87 -7.54 -23.54
C ASN B 267 16.20 -6.17 -23.62
N PRO B 268 16.95 -5.09 -23.99
CA PRO B 268 16.40 -3.74 -24.02
C PRO B 268 15.17 -3.51 -24.91
N ASN B 269 14.98 -4.38 -25.92
CA ASN B 269 13.87 -4.25 -26.89
C ASN B 269 12.45 -4.37 -26.31
N CYS B 270 12.31 -5.05 -25.17
N CYS B 270 12.33 -5.05 -25.17
CA CYS B 270 11.02 -5.23 -24.52
CA CYS B 270 11.06 -5.24 -24.47
C CYS B 270 10.49 -3.97 -23.83
C CYS B 270 10.50 -3.96 -23.87
N HIS B 271 11.40 -3.04 -23.49
CA HIS B 271 11.07 -1.77 -22.82
C HIS B 271 10.43 -1.97 -21.42
N GLY B 272 10.75 -3.10 -20.78
CA GLY B 272 10.25 -3.41 -19.46
C GLY B 272 11.13 -2.70 -18.46
N ARG B 273 10.92 -3.00 -17.18
CA ARG B 273 11.79 -2.52 -16.13
C ARG B 273 12.91 -3.55 -15.96
N TRP B 274 14.12 -3.03 -15.70
CA TRP B 274 15.30 -3.87 -15.65
C TRP B 274 16.37 -3.24 -14.77
N LEU B 275 17.31 -4.08 -14.36
CA LEU B 275 18.47 -3.71 -13.57
C LEU B 275 19.55 -4.73 -13.88
N LYS B 276 20.76 -4.24 -14.22
CA LYS B 276 21.87 -5.10 -14.58
C LYS B 276 23.18 -4.56 -14.09
N ALA B 277 24.05 -5.46 -13.61
CA ALA B 277 25.42 -5.13 -13.28
C ALA B 277 26.14 -5.01 -14.61
N THR B 278 26.78 -3.86 -14.84
CA THR B 278 27.59 -3.60 -16.02
C THR B 278 29.05 -3.99 -15.77
N GLU B 279 29.51 -3.78 -14.53
CA GLU B 279 30.87 -4.14 -14.13
C GLU B 279 30.92 -4.44 -12.63
N VAL B 280 31.67 -5.48 -12.24
CA VAL B 280 31.93 -5.81 -10.85
C VAL B 280 33.42 -5.94 -10.64
N ASN B 281 33.95 -5.20 -9.66
CA ASN B 281 35.31 -5.43 -9.19
C ASN B 281 35.24 -6.19 -7.86
N TYR B 282 35.66 -7.45 -7.88
CA TYR B 282 35.75 -8.27 -6.67
C TYR B 282 37.10 -7.99 -6.01
N HIS B 283 37.07 -7.27 -4.89
CA HIS B 283 38.29 -6.87 -4.17
C HIS B 283 38.32 -7.52 -2.80
N ASP B 284 39.33 -7.15 -1.99
CA ASP B 284 39.67 -7.89 -0.77
C ASP B 284 38.68 -7.76 0.37
N SER B 285 37.76 -6.78 0.29
CA SER B 285 36.78 -6.53 1.34
C SER B 285 35.32 -6.54 0.84
N GLY B 286 35.12 -6.97 -0.42
CA GLY B 286 33.79 -7.02 -1.00
C GLY B 286 33.80 -6.83 -2.50
N ALA B 287 32.75 -6.20 -3.02
CA ALA B 287 32.55 -6.00 -4.44
C ALA B 287 32.07 -4.60 -4.72
N THR B 288 32.68 -3.97 -5.73
CA THR B 288 32.23 -2.69 -6.26
C THR B 288 31.39 -3.01 -7.48
N ILE B 289 30.09 -2.72 -7.39
CA ILE B 289 29.10 -3.12 -8.39
C ILE B 289 28.61 -1.87 -9.09
N ARG B 290 28.96 -1.74 -10.37
CA ARG B 290 28.40 -0.72 -11.26
C ARG B 290 27.20 -1.32 -11.94
N PHE B 291 26.09 -0.58 -11.92
CA PHE B 291 24.84 -1.06 -12.47
C PHE B 291 24.09 0.03 -13.20
N SER B 292 23.29 -0.37 -14.18
N SER B 292 23.29 -0.37 -14.18
CA SER B 292 22.31 0.48 -14.84
CA SER B 292 22.31 0.50 -14.82
C SER B 292 20.93 -0.09 -14.57
C SER B 292 20.93 -0.08 -14.54
N SER B 293 19.91 0.77 -14.63
CA SER B 293 18.52 0.37 -14.40
C SER B 293 17.56 1.39 -14.96
N SER B 294 16.32 0.95 -15.19
CA SER B 294 15.25 1.83 -15.64
C SER B 294 14.93 2.93 -14.61
N TRP B 295 15.47 2.81 -13.39
CA TRP B 295 15.37 3.84 -12.36
C TRP B 295 16.54 4.81 -12.31
N GLY B 296 17.59 4.53 -13.07
CA GLY B 296 18.84 5.27 -13.01
C GLY B 296 20.01 4.34 -12.75
N ASP B 297 21.23 4.89 -12.88
CA ASP B 297 22.48 4.14 -12.75
C ASP B 297 23.19 4.52 -11.46
N GLY B 298 24.17 3.69 -11.08
CA GLY B 298 24.86 3.90 -9.83
C GLY B 298 26.02 2.96 -9.59
N GLU B 299 26.61 3.07 -8.41
CA GLU B 299 27.74 2.28 -8.00
C GLU B 299 27.58 1.96 -6.52
N ILE B 300 27.55 0.67 -6.20
CA ILE B 300 27.38 0.14 -4.85
C ILE B 300 28.67 -0.52 -4.38
N GLU B 301 29.06 -0.21 -3.13
CA GLU B 301 30.11 -0.93 -2.42
C GLU B 301 29.45 -1.96 -1.51
N SER B 302 29.43 -3.21 -1.97
CA SER B 302 28.93 -4.33 -1.17
C SER B 302 30.07 -4.88 -0.35
N HIS B 303 29.75 -5.25 0.91
CA HIS B 303 30.67 -5.96 1.79
C HIS B 303 30.33 -7.46 1.87
N LEU B 304 29.56 -7.95 0.89
CA LEU B 304 29.34 -9.37 0.67
C LEU B 304 30.31 -9.90 -0.39
N MET B 305 30.55 -11.22 -0.33
CA MET B 305 31.55 -11.88 -1.16
C MET B 305 30.94 -12.85 -2.17
N GLY B 306 31.48 -12.85 -3.38
CA GLY B 306 31.15 -13.80 -4.43
C GLY B 306 30.12 -13.27 -5.41
N ALA B 307 30.02 -13.94 -6.56
CA ALA B 307 29.12 -13.53 -7.63
C ALA B 307 27.65 -13.74 -7.26
N PHE B 308 27.36 -14.85 -6.58
CA PHE B 308 26.00 -15.16 -6.15
C PHE B 308 25.41 -14.06 -5.26
N ASN B 309 26.24 -13.48 -4.39
CA ASN B 309 25.82 -12.40 -3.50
C ASN B 309 25.67 -11.05 -4.21
N VAL B 310 26.33 -10.89 -5.36
CA VAL B 310 26.06 -9.75 -6.23
C VAL B 310 24.63 -9.89 -6.77
N SER B 311 24.32 -11.06 -7.31
CA SER B 311 22.97 -11.39 -7.80
C SER B 311 21.90 -11.14 -6.74
N ASN B 312 22.08 -11.72 -5.56
CA ASN B 312 21.16 -11.57 -4.44
C ASN B 312 20.94 -10.10 -4.06
N LEU B 313 22.04 -9.33 -4.02
CA LEU B 313 21.98 -7.91 -3.72
C LEU B 313 21.20 -7.15 -4.79
N LEU B 314 21.50 -7.43 -6.07
CA LEU B 314 20.79 -6.82 -7.20
C LEU B 314 19.29 -7.11 -7.20
N LEU B 315 18.93 -8.34 -6.80
CA LEU B 315 17.53 -8.72 -6.69
C LEU B 315 16.82 -7.89 -5.62
N ALA B 316 17.45 -7.76 -4.44
CA ALA B 316 16.92 -6.93 -3.37
C ALA B 316 16.81 -5.48 -3.78
N LEU B 317 17.83 -4.96 -4.47
CA LEU B 317 17.82 -3.58 -4.99
C LEU B 317 16.66 -3.35 -5.95
N ALA B 318 16.53 -4.25 -6.94
CA ALA B 318 15.48 -4.16 -7.95
C ALA B 318 14.09 -4.21 -7.33
N THR B 319 13.93 -5.08 -6.32
CA THR B 319 12.68 -5.22 -5.57
C THR B 319 12.29 -3.93 -4.85
N LEU B 320 13.24 -3.34 -4.12
CA LEU B 320 12.98 -2.13 -3.34
C LEU B 320 12.73 -0.93 -4.26
N LEU B 321 13.45 -0.88 -5.38
CA LEU B 321 13.20 0.14 -6.40
C LEU B 321 11.78 0.00 -6.96
N ALA B 322 11.39 -1.23 -7.31
CA ALA B 322 10.06 -1.53 -7.84
C ALA B 322 8.95 -1.10 -6.87
N LEU B 323 9.21 -1.25 -5.56
CA LEU B 323 8.29 -0.85 -4.52
C LEU B 323 8.29 0.66 -4.23
N GLY B 324 9.20 1.40 -4.87
CA GLY B 324 9.21 2.85 -4.82
C GLY B 324 10.16 3.50 -3.82
N TYR B 325 11.06 2.72 -3.23
CA TYR B 325 12.12 3.26 -2.41
C TYR B 325 13.09 4.02 -3.32
N PRO B 326 13.45 5.28 -3.00
CA PRO B 326 14.29 6.08 -3.88
C PRO B 326 15.70 5.51 -4.05
N LEU B 327 16.18 5.50 -5.30
CA LEU B 327 17.50 5.02 -5.65
C LEU B 327 18.58 5.66 -4.77
N ALA B 328 18.53 6.99 -4.63
CA ALA B 328 19.53 7.74 -3.88
C ALA B 328 19.67 7.24 -2.44
N ASP B 329 18.53 6.96 -1.79
CA ASP B 329 18.52 6.46 -0.41
C ASP B 329 19.02 5.04 -0.31
N LEU B 330 18.73 4.23 -1.34
CA LEU B 330 19.20 2.85 -1.42
C LEU B 330 20.73 2.83 -1.56
N LEU B 331 21.24 3.63 -2.50
CA LEU B 331 22.69 3.80 -2.71
C LEU B 331 23.44 4.25 -1.44
N LYS B 332 22.85 5.19 -0.71
CA LYS B 332 23.44 5.74 0.51
C LYS B 332 23.54 4.74 1.67
N THR B 333 22.70 3.69 1.64
CA THR B 333 22.63 2.71 2.71
C THR B 333 23.25 1.34 2.39
N ALA B 334 23.58 1.13 1.10
CA ALA B 334 24.08 -0.16 0.60
C ALA B 334 25.34 -0.69 1.32
N ALA B 335 26.26 0.21 1.68
CA ALA B 335 27.50 -0.13 2.40
C ALA B 335 27.26 -0.70 3.79
N ARG B 336 26.07 -0.45 4.35
CA ARG B 336 25.72 -0.96 5.68
C ARG B 336 25.10 -2.35 5.66
N LEU B 337 24.77 -2.87 4.46
CA LEU B 337 24.31 -4.23 4.30
C LEU B 337 25.45 -5.18 4.70
N GLN B 338 25.11 -6.18 5.53
CA GLN B 338 26.08 -7.13 6.05
C GLN B 338 25.74 -8.56 5.60
N PRO B 339 26.71 -9.49 5.63
CA PRO B 339 26.44 -10.88 5.27
C PRO B 339 25.58 -11.52 6.35
N VAL B 340 24.91 -12.61 6.01
CA VAL B 340 24.32 -13.48 7.02
C VAL B 340 25.51 -14.03 7.80
N CYS B 341 25.44 -13.97 9.13
CA CYS B 341 26.55 -14.39 10.01
C CYS B 341 27.11 -15.74 9.58
N GLY B 342 28.43 -15.81 9.44
CA GLY B 342 29.11 -17.04 9.03
C GLY B 342 28.75 -17.59 7.66
N ARG B 343 28.16 -16.73 6.80
CA ARG B 343 27.96 -17.01 5.39
C ARG B 343 28.82 -16.05 4.58
N MET B 344 29.94 -16.58 4.05
CA MET B 344 30.95 -15.80 3.35
C MET B 344 31.20 -14.46 4.06
N GLU B 345 31.40 -14.54 5.37
CA GLU B 345 31.63 -13.36 6.18
C GLU B 345 33.11 -12.98 6.14
N VAL B 346 33.38 -11.78 5.61
CA VAL B 346 34.73 -11.31 5.38
C VAL B 346 35.25 -10.57 6.60
N PHE B 347 36.53 -10.82 6.92
CA PHE B 347 37.24 -10.12 7.97
C PHE B 347 38.49 -9.58 7.32
N THR B 348 38.70 -8.26 7.42
CA THR B 348 39.86 -7.61 6.85
C THR B 348 40.50 -6.72 7.89
N ALA B 349 41.81 -6.56 7.78
CA ALA B 349 42.54 -5.62 8.61
C ALA B 349 43.70 -5.08 7.79
N PRO B 350 44.18 -3.85 8.10
CA PRO B 350 45.31 -3.25 7.38
C PRO B 350 46.51 -4.19 7.25
N GLY B 351 46.93 -4.45 6.01
CA GLY B 351 48.14 -5.19 5.71
C GLY B 351 48.11 -6.65 6.11
N LYS B 352 46.91 -7.19 6.30
CA LYS B 352 46.70 -8.58 6.70
C LYS B 352 46.02 -9.32 5.56
N PRO B 353 46.16 -10.66 5.48
CA PRO B 353 45.38 -11.43 4.51
C PRO B 353 43.89 -11.22 4.81
N THR B 354 43.07 -11.24 3.77
CA THR B 354 41.63 -11.28 3.91
C THR B 354 41.26 -12.67 4.41
N VAL B 355 40.39 -12.74 5.42
CA VAL B 355 39.89 -14.01 5.94
C VAL B 355 38.38 -14.07 5.82
N VAL B 356 37.88 -15.18 5.25
CA VAL B 356 36.45 -15.40 5.10
C VAL B 356 36.05 -16.61 5.96
N VAL B 357 35.03 -16.42 6.79
CA VAL B 357 34.43 -17.49 7.57
C VAL B 357 33.12 -17.89 6.92
N ASP B 358 33.01 -19.17 6.57
CA ASP B 358 31.83 -19.71 5.94
C ASP B 358 31.48 -21.06 6.55
N TYR B 359 30.18 -21.35 6.62
CA TYR B 359 29.64 -22.57 7.22
C TYR B 359 29.85 -23.83 6.36
N ALA B 360 30.23 -23.65 5.09
CA ALA B 360 30.37 -24.74 4.12
C ALA B 360 31.00 -25.99 4.74
N HIS B 361 30.23 -27.09 4.76
CA HIS B 361 30.67 -28.35 5.35
C HIS B 361 30.28 -29.58 4.51
N THR B 362 29.99 -29.34 3.23
CA THR B 362 29.76 -30.38 2.23
C THR B 362 30.63 -30.07 1.02
N PRO B 363 30.89 -31.05 0.13
CA PRO B 363 31.73 -30.82 -1.06
C PRO B 363 31.24 -29.69 -1.99
N ASP B 364 29.92 -29.63 -2.25
N ASP B 364 29.93 -29.64 -2.26
CA ASP B 364 29.35 -28.61 -3.13
CA ASP B 364 29.35 -28.62 -3.14
C ASP B 364 29.44 -27.21 -2.53
C ASP B 364 29.45 -27.21 -2.53
N ALA B 365 29.13 -27.10 -1.23
CA ALA B 365 29.19 -25.81 -0.53
C ALA B 365 30.63 -25.30 -0.42
N LEU B 366 31.57 -26.22 -0.19
CA LEU B 366 32.98 -25.88 -0.09
C LEU B 366 33.51 -25.40 -1.44
N GLU B 367 33.18 -26.12 -2.51
CA GLU B 367 33.53 -25.71 -3.87
C GLU B 367 33.00 -24.31 -4.19
N LYS B 368 31.71 -24.07 -3.92
CA LYS B 368 31.07 -22.77 -4.13
C LYS B 368 31.77 -21.65 -3.35
N ALA B 369 32.05 -21.92 -2.07
CA ALA B 369 32.70 -20.94 -1.19
C ALA B 369 34.11 -20.56 -1.68
N LEU B 370 34.89 -21.58 -2.10
CA LEU B 370 36.23 -21.35 -2.63
C LEU B 370 36.21 -20.59 -3.96
N GLN B 371 35.27 -20.95 -4.84
CA GLN B 371 35.06 -20.26 -6.12
C GLN B 371 34.73 -18.79 -5.89
N ALA B 372 33.85 -18.54 -4.92
CA ALA B 372 33.49 -17.19 -4.52
C ALA B 372 34.71 -16.42 -4.00
N ALA B 373 35.43 -17.04 -3.05
CA ALA B 373 36.63 -16.45 -2.44
C ALA B 373 37.72 -16.13 -3.48
N ARG B 374 37.88 -17.04 -4.44
CA ARG B 374 38.87 -16.89 -5.52
C ARG B 374 38.75 -15.54 -6.25
N LEU B 375 37.50 -15.12 -6.50
CA LEU B 375 37.21 -13.87 -7.20
C LEU B 375 37.84 -12.65 -6.53
N HIS B 376 37.89 -12.68 -5.19
CA HIS B 376 38.44 -11.60 -4.37
C HIS B 376 39.93 -11.77 -4.02
N CYS B 377 40.59 -12.77 -4.61
CA CYS B 377 41.92 -13.20 -4.21
C CYS B 377 42.95 -12.92 -5.29
N ALA B 378 43.77 -11.89 -5.07
CA ALA B 378 44.86 -11.54 -5.98
C ALA B 378 46.04 -12.52 -5.85
N GLY B 379 46.31 -12.98 -4.61
CA GLY B 379 47.43 -13.84 -4.32
C GLY B 379 47.04 -15.31 -4.32
N LYS B 380 47.33 -15.99 -3.20
CA LYS B 380 47.00 -17.40 -3.01
C LYS B 380 45.76 -17.57 -2.12
N LEU B 381 44.90 -18.53 -2.51
CA LEU B 381 43.74 -18.93 -1.76
C LEU B 381 44.09 -20.08 -0.82
N TRP B 382 43.90 -19.86 0.48
CA TRP B 382 44.08 -20.88 1.52
C TRP B 382 42.71 -21.39 1.96
N CYS B 383 42.62 -22.70 2.22
CA CYS B 383 41.41 -23.33 2.75
C CYS B 383 41.69 -24.10 4.04
N VAL B 384 41.15 -23.62 5.16
CA VAL B 384 41.24 -24.30 6.45
C VAL B 384 39.90 -24.97 6.76
N PHE B 385 39.94 -26.29 6.94
CA PHE B 385 38.72 -27.06 7.17
C PHE B 385 39.01 -28.44 7.75
N GLY B 386 37.96 -29.08 8.26
CA GLY B 386 37.96 -30.48 8.64
C GLY B 386 36.61 -31.06 8.35
N CYS B 387 36.36 -32.26 8.90
CA CYS B 387 35.08 -32.94 8.79
C CYS B 387 34.66 -33.51 10.13
N GLY B 388 33.34 -33.57 10.35
CA GLY B 388 32.78 -34.03 11.60
C GLY B 388 33.06 -35.50 11.80
N GLY B 389 33.33 -35.89 13.05
CA GLY B 389 33.53 -37.28 13.43
C GLY B 389 32.22 -38.00 13.65
N ASP B 390 32.27 -39.34 13.57
CA ASP B 390 31.14 -40.24 13.84
C ASP B 390 29.93 -40.05 12.92
N ARG B 391 30.12 -39.41 11.77
CA ARG B 391 29.04 -39.24 10.81
C ARG B 391 29.55 -38.67 9.50
N ASP B 392 28.69 -38.78 8.47
CA ASP B 392 28.92 -38.20 7.15
C ASP B 392 30.37 -38.37 6.67
N LYS B 393 30.79 -39.63 6.51
CA LYS B 393 32.17 -39.98 6.26
C LYS B 393 32.54 -40.01 4.79
N GLY B 394 31.54 -40.26 3.95
CA GLY B 394 31.73 -40.32 2.50
C GLY B 394 32.20 -39.01 1.87
N LYS B 395 31.79 -37.89 2.47
CA LYS B 395 32.15 -36.56 2.00
C LYS B 395 33.63 -36.23 2.18
N ARG B 396 34.31 -36.92 3.12
CA ARG B 396 35.67 -36.60 3.53
C ARG B 396 36.68 -36.52 2.38
N PRO B 397 36.89 -37.60 1.58
CA PRO B 397 37.82 -37.53 0.45
C PRO B 397 37.39 -36.55 -0.64
N LEU B 398 36.07 -36.35 -0.79
CA LEU B 398 35.49 -35.42 -1.76
C LEU B 398 35.80 -33.97 -1.37
N MET B 399 35.72 -33.67 -0.07
N MET B 399 35.69 -33.68 -0.06
CA MET B 399 36.09 -32.35 0.43
CA MET B 399 36.08 -32.40 0.53
C MET B 399 37.59 -32.10 0.34
C MET B 399 37.56 -32.12 0.30
N GLY B 400 38.39 -33.16 0.54
CA GLY B 400 39.82 -33.10 0.32
C GLY B 400 40.19 -32.72 -1.11
N ALA B 401 39.59 -33.42 -2.07
CA ALA B 401 39.81 -33.18 -3.50
C ALA B 401 39.44 -31.76 -3.92
N ILE B 402 38.30 -31.28 -3.40
CA ILE B 402 37.79 -29.94 -3.66
C ILE B 402 38.73 -28.87 -3.12
N ALA B 403 39.17 -29.03 -1.87
CA ALA B 403 40.12 -28.11 -1.25
C ALA B 403 41.41 -28.04 -2.04
N GLU B 404 41.89 -29.20 -2.49
CA GLU B 404 43.10 -29.31 -3.29
C GLU B 404 42.98 -28.60 -4.64
N GLU B 405 41.83 -28.77 -5.31
CA GLU B 405 41.63 -28.23 -6.65
C GLU B 405 41.32 -26.75 -6.67
N PHE B 406 40.41 -26.32 -5.79
CA PHE B 406 39.88 -24.95 -5.82
C PHE B 406 40.62 -23.97 -4.91
N ALA B 407 41.52 -24.50 -4.07
CA ALA B 407 42.44 -23.68 -3.26
C ALA B 407 43.87 -23.93 -3.69
N ASP B 408 44.76 -23.00 -3.32
CA ASP B 408 46.20 -23.13 -3.54
C ASP B 408 46.90 -23.84 -2.39
N VAL B 409 46.42 -23.59 -1.16
CA VAL B 409 46.92 -24.25 0.04
C VAL B 409 45.75 -24.82 0.86
N ALA B 410 45.78 -26.14 1.09
CA ALA B 410 44.79 -26.80 1.91
C ALA B 410 45.40 -27.01 3.29
N VAL B 411 44.72 -26.49 4.32
CA VAL B 411 45.10 -26.71 5.71
C VAL B 411 44.03 -27.58 6.38
N VAL B 412 44.33 -28.88 6.52
CA VAL B 412 43.38 -29.84 7.06
C VAL B 412 43.52 -29.94 8.56
N THR B 413 42.41 -29.71 9.26
CA THR B 413 42.39 -29.66 10.72
C THR B 413 41.13 -30.35 11.25
N ASP B 414 40.82 -30.14 12.52
CA ASP B 414 39.66 -30.75 13.18
C ASP B 414 38.43 -29.87 13.04
N ASP B 415 37.26 -30.54 13.05
CA ASP B 415 35.93 -29.92 13.06
C ASP B 415 34.93 -30.89 13.71
N ASN B 416 34.65 -30.69 15.00
CA ASN B 416 33.76 -31.54 15.78
C ASN B 416 34.12 -33.01 15.58
N PRO B 417 35.31 -33.47 16.06
CA PRO B 417 35.71 -34.86 15.92
C PRO B 417 34.88 -35.85 16.75
N ARG B 418 34.11 -35.35 17.72
CA ARG B 418 33.26 -36.18 18.57
C ARG B 418 34.09 -37.27 19.26
N THR B 419 33.74 -38.54 19.10
CA THR B 419 34.45 -39.64 19.77
C THR B 419 35.50 -40.28 18.88
N GLU B 420 35.48 -39.92 17.59
CA GLU B 420 36.40 -40.47 16.60
C GLU B 420 37.80 -39.89 16.75
N GLU B 421 38.80 -40.71 16.44
CA GLU B 421 40.20 -40.32 16.49
C GLU B 421 40.40 -39.17 15.51
N PRO B 422 40.76 -37.96 15.98
CA PRO B 422 40.88 -36.80 15.10
C PRO B 422 41.73 -37.05 13.84
N ARG B 423 42.89 -37.70 14.02
CA ARG B 423 43.80 -38.00 12.91
C ARG B 423 43.20 -38.97 11.87
N ALA B 424 42.34 -39.89 12.33
CA ALA B 424 41.68 -40.84 11.42
C ALA B 424 40.81 -40.07 10.42
N ILE B 425 40.10 -39.06 10.91
CA ILE B 425 39.23 -38.21 10.07
C ILE B 425 40.08 -37.52 9.01
N ILE B 426 41.18 -36.90 9.46
CA ILE B 426 42.11 -36.20 8.60
C ILE B 426 42.67 -37.10 7.50
N ASN B 427 43.05 -38.34 7.87
CA ASN B 427 43.52 -39.30 6.88
C ASN B 427 42.50 -39.62 5.78
N ASP B 428 41.23 -39.75 6.17
CA ASP B 428 40.11 -39.92 5.22
C ASP B 428 39.98 -38.75 4.26
N ILE B 429 40.22 -37.53 4.77
CA ILE B 429 40.20 -36.33 3.94
C ILE B 429 41.36 -36.37 2.95
N LEU B 430 42.58 -36.60 3.48
CA LEU B 430 43.80 -36.65 2.67
C LEU B 430 43.76 -37.71 1.57
N ALA B 431 43.08 -38.83 1.85
CA ALA B 431 42.89 -39.93 0.89
C ALA B 431 42.32 -39.46 -0.46
N GLY B 432 41.49 -38.42 -0.43
CA GLY B 432 40.88 -37.87 -1.62
C GLY B 432 41.80 -37.02 -2.49
N MET B 433 42.97 -36.66 -1.97
CA MET B 433 43.89 -35.74 -2.65
C MET B 433 44.89 -36.44 -3.56
N LEU B 434 45.17 -35.79 -4.70
CA LEU B 434 46.22 -36.21 -5.63
C LEU B 434 47.62 -36.03 -5.03
N ASP B 435 47.81 -34.94 -4.29
CA ASP B 435 49.10 -34.58 -3.70
C ASP B 435 48.91 -34.13 -2.25
N ALA B 436 48.58 -35.10 -1.39
CA ALA B 436 48.35 -34.88 0.03
C ALA B 436 49.57 -34.31 0.72
N GLY B 437 50.76 -34.64 0.20
CA GLY B 437 52.02 -34.13 0.71
C GLY B 437 52.13 -32.61 0.69
N HIS B 438 51.39 -31.98 -0.24
CA HIS B 438 51.40 -30.53 -0.36
C HIS B 438 50.38 -29.83 0.53
N ALA B 439 49.48 -30.61 1.15
CA ALA B 439 48.54 -30.11 2.14
C ALA B 439 49.25 -29.93 3.48
N LYS B 440 48.79 -28.95 4.27
CA LYS B 440 49.26 -28.76 5.63
C LYS B 440 48.25 -29.42 6.53
N VAL B 441 48.74 -30.20 7.50
CA VAL B 441 47.89 -30.82 8.49
C VAL B 441 48.27 -30.23 9.84
N MET B 442 47.28 -29.72 10.57
CA MET B 442 47.51 -29.21 11.90
C MET B 442 46.30 -29.42 12.77
N GLU B 443 46.48 -30.19 13.85
CA GLU B 443 45.45 -30.41 14.83
C GLU B 443 45.52 -29.39 15.93
N GLY B 444 44.34 -29.11 16.48
CA GLY B 444 44.04 -27.86 17.12
C GLY B 444 43.56 -27.03 15.96
N ARG B 445 42.24 -26.80 15.89
CA ARG B 445 41.64 -25.96 14.87
C ARG B 445 42.16 -24.53 14.95
N ALA B 446 42.17 -23.99 16.17
CA ALA B 446 42.67 -22.62 16.41
C ALA B 446 44.10 -22.46 15.89
N GLU B 447 44.94 -23.48 16.14
CA GLU B 447 46.31 -23.49 15.70
C GLU B 447 46.41 -23.54 14.17
N ALA B 448 45.54 -24.35 13.53
CA ALA B 448 45.48 -24.45 12.09
C ALA B 448 45.07 -23.13 11.44
N VAL B 449 44.03 -22.50 12.00
CA VAL B 449 43.56 -21.19 11.53
C VAL B 449 44.74 -20.21 11.65
N THR B 450 45.39 -20.20 12.80
CA THR B 450 46.53 -19.33 13.06
C THR B 450 47.64 -19.55 12.04
N CYS B 451 47.94 -20.82 11.75
CA CYS B 451 48.95 -21.19 10.78
C CYS B 451 48.72 -20.52 9.44
N ALA B 452 47.51 -20.67 8.91
CA ALA B 452 47.11 -20.08 7.63
C ALA B 452 47.23 -18.57 7.68
N VAL B 453 46.63 -17.95 8.69
CA VAL B 453 46.53 -16.50 8.80
C VAL B 453 47.91 -15.85 8.97
N MET B 454 48.75 -16.44 9.82
CA MET B 454 50.07 -15.89 10.11
C MET B 454 51.04 -16.06 8.94
N GLN B 455 50.84 -17.11 8.14
CA GLN B 455 51.71 -17.40 6.99
C GLN B 455 51.27 -16.72 5.69
N ALA B 456 49.96 -16.53 5.54
CA ALA B 456 49.38 -15.99 4.31
C ALA B 456 49.86 -14.55 4.08
N LYS B 457 50.12 -14.22 2.81
CA LYS B 457 50.51 -12.86 2.42
C LYS B 457 49.34 -11.88 2.46
N GLU B 458 49.68 -10.59 2.39
CA GLU B 458 48.73 -9.49 2.42
C GLU B 458 47.64 -9.63 1.35
N ASN B 459 48.04 -10.09 0.16
CA ASN B 459 47.13 -10.23 -0.98
C ASN B 459 46.51 -11.64 -1.12
N ASP B 460 46.66 -12.45 -0.07
CA ASP B 460 46.06 -13.78 0.00
C ASP B 460 44.68 -13.68 0.62
N VAL B 461 43.91 -14.75 0.44
CA VAL B 461 42.62 -14.92 1.08
C VAL B 461 42.65 -16.28 1.79
N VAL B 462 42.20 -16.31 3.04
CA VAL B 462 42.04 -17.54 3.81
C VAL B 462 40.55 -17.79 4.03
N LEU B 463 40.05 -18.91 3.49
CA LEU B 463 38.71 -19.39 3.79
C LEU B 463 38.81 -20.34 4.99
N VAL B 464 38.04 -20.03 6.05
CA VAL B 464 37.91 -20.89 7.23
C VAL B 464 36.50 -21.46 7.15
N ALA B 465 36.41 -22.72 6.72
CA ALA B 465 35.15 -23.37 6.36
C ALA B 465 34.72 -24.41 7.39
N GLY B 466 33.39 -24.58 7.53
CA GLY B 466 32.82 -25.69 8.27
C GLY B 466 31.91 -25.35 9.43
N LYS B 467 32.09 -24.15 10.00
CA LYS B 467 31.37 -23.79 11.23
C LYS B 467 30.46 -22.59 11.07
N GLY B 468 30.93 -21.58 10.32
CA GLY B 468 30.24 -20.32 10.20
C GLY B 468 30.07 -19.70 11.57
N HIS B 469 28.81 -19.63 12.02
CA HIS B 469 28.43 -19.04 13.31
C HIS B 469 28.40 -20.05 14.47
N GLU B 470 28.51 -21.34 14.15
CA GLU B 470 28.39 -22.41 15.15
C GLU B 470 29.60 -22.40 16.08
N ASP B 471 29.46 -21.74 17.24
CA ASP B 471 30.57 -21.45 18.14
C ASP B 471 30.84 -22.51 19.21
N TYR B 472 31.21 -23.70 18.73
CA TYR B 472 31.63 -24.81 19.58
C TYR B 472 32.48 -25.80 18.79
N GLN B 473 33.28 -26.60 19.53
CA GLN B 473 34.01 -27.76 19.03
C GLN B 473 33.54 -28.97 19.84
N ILE B 474 32.85 -29.90 19.17
CA ILE B 474 32.36 -31.11 19.83
C ILE B 474 33.50 -32.14 19.88
N VAL B 475 34.06 -32.30 21.09
CA VAL B 475 35.07 -33.31 21.39
C VAL B 475 34.48 -34.25 22.44
N GLY B 476 34.54 -35.56 22.17
CA GLY B 476 33.74 -36.54 22.90
C GLY B 476 32.27 -36.26 22.62
N ASN B 477 31.49 -36.03 23.68
CA ASN B 477 30.13 -35.49 23.56
C ASN B 477 30.01 -34.08 24.16
N GLN B 478 31.15 -33.49 24.52
CA GLN B 478 31.26 -32.16 25.13
C GLN B 478 31.37 -31.05 24.10
N ARG B 479 30.54 -30.01 24.29
CA ARG B 479 30.51 -28.84 23.43
C ARG B 479 31.44 -27.76 24.03
N LEU B 480 32.73 -27.89 23.72
CA LEU B 480 33.76 -26.95 24.18
C LEU B 480 33.62 -25.61 23.47
N ASP B 481 33.83 -24.52 24.21
CA ASP B 481 33.68 -23.16 23.68
C ASP B 481 34.82 -22.85 22.70
N TYR B 482 34.45 -22.57 21.45
CA TYR B 482 35.38 -22.18 20.40
C TYR B 482 34.60 -21.44 19.31
N SER B 483 35.25 -20.45 18.69
CA SER B 483 34.65 -19.68 17.60
C SER B 483 35.68 -19.32 16.53
N ASP B 484 35.43 -19.75 15.29
CA ASP B 484 36.22 -19.35 14.13
C ASP B 484 36.29 -17.84 14.01
N ARG B 485 35.14 -17.18 14.20
CA ARG B 485 35.02 -15.74 14.03
C ARG B 485 35.89 -14.99 15.05
N VAL B 486 35.83 -15.44 16.30
CA VAL B 486 36.59 -14.83 17.38
C VAL B 486 38.09 -15.09 17.15
N THR B 487 38.45 -16.33 16.79
CA THR B 487 39.84 -16.70 16.55
C THR B 487 40.44 -15.81 15.44
N VAL B 488 39.68 -15.64 14.36
CA VAL B 488 40.09 -14.86 13.20
C VAL B 488 40.24 -13.37 13.57
N ALA B 489 39.24 -12.85 14.30
CA ALA B 489 39.22 -11.45 14.72
C ALA B 489 40.46 -11.09 15.53
N ARG B 490 40.79 -11.95 16.51
CA ARG B 490 41.98 -11.76 17.34
C ARG B 490 43.27 -11.78 16.53
N LEU B 491 43.37 -12.72 15.58
CA LEU B 491 44.53 -12.83 14.73
C LEU B 491 44.72 -11.60 13.82
N LEU B 492 43.62 -10.98 13.42
CA LEU B 492 43.65 -9.82 12.54
C LEU B 492 43.72 -8.51 13.29
N GLY B 493 43.46 -8.56 14.60
CA GLY B 493 43.44 -7.37 15.44
C GLY B 493 42.17 -6.57 15.26
N VAL B 494 41.08 -7.27 14.91
CA VAL B 494 39.75 -6.69 14.77
C VAL B 494 38.78 -7.34 15.76
N ILE B 495 37.51 -6.90 15.75
CA ILE B 495 36.47 -7.41 16.63
C ILE B 495 35.43 -8.16 15.82
N ALA B 496 35.14 -9.40 16.24
CA ALA B 496 34.18 -10.27 15.57
C ALA B 496 32.81 -9.63 15.59
C4 LVV C . -3.95 6.84 -17.88
C5 LVV C . -3.83 6.42 -16.53
C6 LVV C . -4.92 6.49 -15.68
C7 LVV C . -2.80 6.74 -18.82
C8 LVV C . -3.27 4.31 -19.18
C10 LVV C . -0.35 3.90 -19.47
N LVV C . -2.24 5.35 -18.79
C LVV C . -7.35 7.05 -15.28
O LVV C . -0.70 1.38 -19.33
C1 LVV C . -6.15 6.99 -16.18
C11 LVV C . -1.05 5.25 -19.70
C2 LVV C . -6.26 7.40 -17.50
C3 LVV C . -5.16 7.32 -18.34
C9 LVV C . -2.71 2.90 -18.89
O1 LVV C . -1.78 2.60 -21.16
S LVV C . -1.34 2.55 -19.83
C4 LVV D . -5.88 21.73 -0.14
C5 LVV D . -6.54 22.96 -0.08
C6 LVV D . -5.97 24.03 0.64
C7 LVV D . -6.51 20.57 -0.89
C8 LVV D . -6.45 19.08 -2.84
C10 LVV D . -5.55 21.37 -4.55
N LVV D . -5.93 20.39 -2.27
C LVV D . -4.12 25.00 2.03
O LVV D . -5.09 19.73 -6.43
C1 LVV D . -4.74 23.85 1.28
C11 LVV D . -6.24 21.56 -3.18
C2 LVV D . -4.08 22.62 1.20
C3 LVV D . -4.64 21.56 0.50
C9 LVV D . -5.77 18.78 -4.19
O1 LVV D . -7.40 20.04 -5.74
S LVV D . -6.03 19.96 -5.38
S DMS E . -6.48 11.72 -10.32
O DMS E . -6.64 13.22 -10.32
C1 DMS E . -6.73 11.21 -8.64
C2 DMS E . -4.73 11.40 -10.40
S DMS F . -7.13 -4.05 2.72
O DMS F . -6.28 -2.84 3.01
C1 DMS F . -8.70 -3.40 2.24
C2 DMS F . -7.60 -4.70 4.31
C4 LVV G . 1.74 -15.43 -13.01
C5 LVV G . 1.81 -14.49 -11.97
C6 LVV G . 3.02 -14.20 -11.36
C7 LVV G . 0.44 -15.68 -13.70
C8 LVV G . -1.54 -14.66 -14.70
C10 LVV G . 0.08 -12.22 -15.28
N LVV G . -0.19 -14.39 -14.09
C LVV G . 5.49 -14.55 -11.15
O LVV G . -1.29 -13.02 -17.24
C1 LVV G . 4.18 -14.87 -11.78
C11 LVV G . 0.69 -13.62 -15.04
C2 LVV G . 4.12 -15.81 -12.80
C3 LVV G . 2.89 -16.09 -13.42
C9 LVV G . -2.25 -13.30 -14.93
O1 LVV G . -2.04 -11.00 -16.02
S LVV G . -1.44 -12.30 -16.04
C4 LVV H . 6.91 -20.34 9.21
C5 LVV H . 7.52 -21.46 9.78
C6 LVV H . 7.03 -21.96 11.00
C7 LVV H . 7.48 -19.76 7.92
C8 LVV H . 6.99 -19.23 5.58
C10 LVV H . 5.96 -22.00 5.17
N LVV H . 6.66 -20.15 6.72
C LVV H . 5.43 -21.92 12.92
O LVV H . 5.20 -21.37 2.81
C1 LVV H . 5.93 -21.36 11.63
C11 LVV H . 6.89 -21.60 6.35
C2 LVV H . 5.32 -20.25 11.04
C3 LVV H . 5.81 -19.74 9.83
C9 LVV H . 6.13 -19.54 4.33
O1 LVV H . 7.57 -21.41 3.26
S LVV H . 6.26 -21.14 3.72
S DMS I . 5.58 -16.12 -4.47
O DMS I . 6.02 -15.14 -3.40
C1 DMS I . 3.82 -15.94 -4.59
C2 DMS I . 5.63 -17.72 -3.72
#